data_5TB5
#
_entry.id   5TB5
#
_cell.length_a   58.386
_cell.length_b   70.651
_cell.length_c   94.307
_cell.angle_alpha   90.00
_cell.angle_beta   92.40
_cell.angle_gamma   90.00
#
_symmetry.space_group_name_H-M   'P 1 21 1'
#
loop_
_entity.id
_entity.type
_entity.pdbx_description
1 polymer 'GTPase KRas'
2 polymer "Retinal rod rhodopsin-sensitive cGMP 3',5'-cyclic phosphodiesterase subunit delta"
3 non-polymer FARNESYL
4 non-polymer "GUANOSINE-5'-DIPHOSPHATE"
5 non-polymer 1,2-ETHANEDIOL
6 water water
#
loop_
_entity_poly.entity_id
_entity_poly.type
_entity_poly.pdbx_seq_one_letter_code
_entity_poly.pdbx_strand_id
1 'polypeptide(L)'
;GTEYKLVVVGAGGVGKSALTIQLIQNHFVDEYDPTIEDSYRKQVVIDGETCLLDILDTAGQEEYSAMRDQYMRTGEGFLC
VFAINNTKSFEDIHHYREQIKRVKDSEDVPMVLVGNKCDLPSRTVDTKQAQDLARSYGIPFIETSAKTRQGVDDAFYTLV
REIRKHKEKMSKDGKKKKKKSKTK(CMT)
;
A,C
2 'polypeptide(L)'
;MSAKDERAREILRGFKLNWMNLRDAETGKILWQGTEDLSVPGVEHEARVPKKILKCKAVSRELNFSSTEQMEKFRLEQKV
YFKGQCLEEWFFEFGFVIPNSTNTWQSLIEAAPESQMMPASVLTGNVIIETKFFDDDLLVSTSRVRLFYV
;
B,D
#
loop_
_chem_comp.id
_chem_comp.type
_chem_comp.name
_chem_comp.formula
EDO non-polymer 1,2-ETHANEDIOL 'C2 H6 O2'
FAR non-polymer FARNESYL 'C15 H26'
GDP RNA linking GUANOSINE-5'-DIPHOSPHATE 'C10 H15 N5 O11 P2'
#
# COMPACT_ATOMS: atom_id res chain seq x y z
N GLY A 1 6.86 6.72 7.83
CA GLY A 1 8.06 6.54 8.62
C GLY A 1 9.10 5.67 7.95
N THR A 2 10.21 6.29 7.53
CA THR A 2 11.34 5.57 6.96
C THR A 2 12.47 5.48 7.99
N GLU A 3 12.95 4.26 8.22
CA GLU A 3 14.11 4.03 9.07
C GLU A 3 15.40 4.05 8.23
N TYR A 4 16.49 4.47 8.87
CA TYR A 4 17.81 4.58 8.24
C TYR A 4 18.86 4.07 9.22
N LYS A 5 19.69 3.13 8.76
CA LYS A 5 20.74 2.56 9.60
C LYS A 5 22.06 3.26 9.28
N LEU A 6 22.54 4.10 10.21
CA LEU A 6 23.73 4.93 10.00
C LEU A 6 24.87 4.37 10.83
N VAL A 7 26.05 4.30 10.27
CA VAL A 7 27.19 3.72 10.96
C VAL A 7 28.33 4.73 10.95
N VAL A 8 28.89 5.00 12.14
CA VAL A 8 29.97 5.99 12.26
C VAL A 8 31.29 5.24 12.37
N VAL A 9 32.19 5.45 11.41
CA VAL A 9 33.48 4.77 11.43
C VAL A 9 34.62 5.79 11.39
N GLY A 10 35.81 5.30 11.72
CA GLY A 10 36.98 6.15 11.84
C GLY A 10 37.92 5.70 12.94
N ALA A 11 39.14 6.23 12.92
CA ALA A 11 40.19 5.80 13.84
C ALA A 11 39.81 6.13 15.28
N GLY A 12 40.40 5.39 16.21
CA GLY A 12 40.18 5.69 17.61
C GLY A 12 40.55 7.12 17.93
N GLY A 13 39.71 7.78 18.71
CA GLY A 13 39.93 9.13 19.19
C GLY A 13 39.57 10.26 18.23
N VAL A 14 38.95 9.96 17.08
CA VAL A 14 38.59 11.07 16.18
C VAL A 14 37.32 11.78 16.61
N GLY A 15 36.52 11.17 17.51
CA GLY A 15 35.31 11.77 18.03
C GLY A 15 34.02 11.13 17.54
N LYS A 16 34.05 9.83 17.23
CA LYS A 16 32.84 9.16 16.80
C LYS A 16 31.78 9.17 17.91
N SER A 17 32.19 8.88 19.15
CA SER A 17 31.23 8.86 20.26
C SER A 17 30.68 10.24 20.55
N ALA A 18 31.55 11.26 20.58
CA ALA A 18 31.10 12.63 20.81
C ALA A 18 30.11 13.10 19.73
N LEU A 19 30.38 12.77 18.46
CA LEU A 19 29.44 13.13 17.40
C LEU A 19 28.09 12.46 17.61
N THR A 20 28.11 11.18 17.95
CA THR A 20 26.87 10.44 18.15
C THR A 20 26.09 11.00 19.33
N ILE A 21 26.76 11.27 20.44
CA ILE A 21 26.08 11.83 21.61
C ILE A 21 25.51 13.21 21.31
N GLN A 22 26.18 13.99 20.47
CA GLN A 22 25.69 15.30 20.13
C GLN A 22 24.44 15.23 19.30
N LEU A 23 24.38 14.28 18.42
CA LEU A 23 23.22 14.13 17.60
C LEU A 23 22.07 13.61 18.43
N ILE A 24 22.33 12.62 19.26
CA ILE A 24 21.31 12.01 20.06
C ILE A 24 20.83 12.89 21.21
N GLN A 25 21.69 13.19 22.15
CA GLN A 25 21.30 13.96 23.33
C GLN A 25 21.66 15.44 23.33
N ASN A 26 21.92 16.02 22.18
CA ASN A 26 22.22 17.42 22.09
C ASN A 26 23.20 18.12 23.04
N HIS A 27 24.23 17.42 23.50
CA HIS A 27 25.22 18.04 24.34
C HIS A 27 26.59 17.41 24.12
N PHE A 28 27.64 18.09 24.56
CA PHE A 28 29.00 17.59 24.41
C PHE A 28 29.45 16.94 25.70
N ASP A 38 26.34 -0.53 20.72
CA ASP A 38 25.80 0.62 21.43
C ASP A 38 24.87 1.41 20.51
N SER A 39 24.24 0.73 19.55
CA SER A 39 23.39 1.45 18.59
C SER A 39 22.21 2.10 19.31
N TYR A 40 21.68 3.16 18.72
CA TYR A 40 20.56 3.88 19.32
C TYR A 40 19.57 4.32 18.24
N ARG A 41 18.27 4.17 18.55
CA ARG A 41 17.17 4.53 17.67
C ARG A 41 16.61 5.89 18.10
N LYS A 42 16.60 6.85 17.17
CA LYS A 42 16.16 8.21 17.44
C LYS A 42 15.25 8.71 16.33
N GLN A 43 14.09 9.27 16.71
CA GLN A 43 13.17 9.85 15.73
C GLN A 43 13.57 11.28 15.41
N VAL A 44 13.68 11.61 14.12
CA VAL A 44 14.16 12.91 13.69
C VAL A 44 13.31 13.38 12.50
N VAL A 45 13.11 14.69 12.41
CA VAL A 45 12.45 15.29 11.25
C VAL A 45 13.51 15.83 10.31
N ILE A 46 13.63 15.25 9.12
CA ILE A 46 14.55 15.73 8.09
C ILE A 46 13.75 16.06 6.84
N ASP A 47 13.91 17.29 6.35
CA ASP A 47 13.17 17.75 5.17
C ASP A 47 11.68 17.48 5.34
N GLY A 48 11.16 17.79 6.53
CA GLY A 48 9.75 17.62 6.84
C GLY A 48 9.25 16.20 6.90
N GLU A 49 10.14 15.22 6.75
CA GLU A 49 9.79 13.82 6.82
C GLU A 49 10.34 13.21 8.11
N THR A 50 9.46 12.56 8.88
CA THR A 50 9.83 11.95 10.14
C THR A 50 10.64 10.67 9.87
N CYS A 51 11.87 10.62 10.36
CA CYS A 51 12.80 9.53 10.10
C CYS A 51 13.20 8.88 11.41
N LEU A 52 13.29 7.56 11.41
CA LEU A 52 13.88 6.83 12.51
C LEU A 52 15.33 6.55 12.16
N LEU A 53 16.26 7.11 12.94
CA LEU A 53 17.68 6.92 12.73
C LEU A 53 18.19 5.88 13.71
N ASP A 54 18.76 4.80 13.18
CA ASP A 54 19.41 3.76 13.98
C ASP A 54 20.91 4.01 13.83
N ILE A 55 21.54 4.56 14.87
CA ILE A 55 22.91 5.10 14.74
C ILE A 55 23.86 4.21 15.52
N LEU A 56 24.89 3.72 14.84
CA LEU A 56 25.88 2.88 15.51
C LEU A 56 27.22 3.60 15.55
N ASP A 57 27.68 3.87 16.76
CA ASP A 57 29.05 4.30 17.01
C ASP A 57 29.91 3.04 17.07
N THR A 58 30.86 2.88 16.12
CA THR A 58 31.61 1.62 16.06
C THR A 58 32.79 1.58 17.02
N ALA A 59 32.99 2.59 17.86
CA ALA A 59 34.19 2.65 18.70
C ALA A 59 34.43 1.35 19.46
N GLY A 60 33.38 0.71 19.95
CA GLY A 60 33.57 -0.52 20.70
C GLY A 60 33.73 -1.76 19.85
N GLN A 61 32.92 -1.88 18.80
CA GLN A 61 32.83 -3.10 18.01
C GLN A 61 33.91 -3.28 16.93
N GLU A 62 34.66 -2.25 16.58
CA GLU A 62 35.49 -2.33 15.37
C GLU A 62 36.53 -3.44 15.46
N GLU A 63 37.06 -3.72 16.64
CA GLU A 63 38.13 -4.69 16.77
C GLU A 63 37.67 -6.15 16.69
N TYR A 64 36.37 -6.43 16.59
CA TYR A 64 35.87 -7.79 16.52
C TYR A 64 35.38 -8.07 15.10
N SER A 65 35.94 -9.11 14.47
CA SER A 65 35.73 -9.31 13.03
C SER A 65 34.27 -9.56 12.71
N ALA A 66 33.63 -10.48 13.43
CA ALA A 66 32.22 -10.73 13.16
C ALA A 66 31.38 -9.48 13.35
N MET A 67 31.71 -8.66 14.35
CA MET A 67 30.93 -7.46 14.61
C MET A 67 31.11 -6.44 13.48
N ARG A 68 32.36 -6.22 13.09
CA ARG A 68 32.65 -5.29 12.00
C ARG A 68 31.97 -5.72 10.71
N ASP A 69 32.09 -7.00 10.37
CA ASP A 69 31.42 -7.49 9.16
C ASP A 69 29.91 -7.28 9.26
N GLN A 70 29.33 -7.55 10.43
CA GLN A 70 27.88 -7.37 10.56
C GLN A 70 27.46 -5.89 10.40
N TYR A 71 28.19 -4.95 11.01
CA TYR A 71 27.69 -3.58 10.87
C TYR A 71 28.01 -3.01 9.50
N MET A 72 29.04 -3.54 8.83
CA MET A 72 29.20 -3.14 7.44
C MET A 72 28.13 -3.76 6.55
N ARG A 73 27.67 -4.99 6.84
CA ARG A 73 26.58 -5.53 6.05
C ARG A 73 25.27 -4.77 6.31
N THR A 74 24.94 -4.51 7.57
CA THR A 74 23.63 -3.94 7.85
C THR A 74 23.59 -2.41 7.73
N GLY A 75 24.73 -1.73 7.88
CA GLY A 75 24.73 -0.29 7.72
C GLY A 75 24.24 0.16 6.35
N GLU A 76 23.31 1.12 6.31
CA GLU A 76 22.91 1.63 5.01
C GLU A 76 23.74 2.82 4.54
N GLY A 77 24.25 3.61 5.48
CA GLY A 77 25.14 4.71 5.14
C GLY A 77 26.22 4.83 6.19
N PHE A 78 27.36 5.40 5.81
CA PHE A 78 28.49 5.46 6.71
C PHE A 78 29.05 6.88 6.79
N LEU A 79 29.20 7.36 8.03
CA LEU A 79 30.00 8.55 8.32
C LEU A 79 31.43 8.10 8.51
N CYS A 80 32.31 8.50 7.62
CA CYS A 80 33.74 8.20 7.72
C CYS A 80 34.43 9.42 8.31
N VAL A 81 34.83 9.31 9.58
CA VAL A 81 35.25 10.44 10.39
C VAL A 81 36.76 10.40 10.55
N PHE A 82 37.41 11.53 10.29
CA PHE A 82 38.80 11.75 10.73
C PHE A 82 38.82 13.02 11.56
N ALA A 83 39.96 13.28 12.19
CA ALA A 83 40.11 14.50 12.99
C ALA A 83 41.10 15.42 12.29
N ILE A 84 40.78 16.72 12.24
CA ILE A 84 41.55 17.61 11.38
C ILE A 84 42.91 17.97 11.96
N ASN A 85 43.22 17.51 13.17
CA ASN A 85 44.54 17.70 13.77
C ASN A 85 45.31 16.39 13.84
N ASN A 86 44.87 15.37 13.10
CA ASN A 86 45.49 14.05 13.17
C ASN A 86 45.60 13.51 11.75
N THR A 87 46.80 13.63 11.18
CA THR A 87 47.03 13.23 9.80
C THR A 87 46.82 11.73 9.62
N LYS A 88 47.25 10.95 10.60
CA LYS A 88 47.16 9.52 10.40
C LYS A 88 45.70 9.05 10.38
N SER A 89 44.82 9.74 11.11
CA SER A 89 43.39 9.40 11.03
C SER A 89 42.82 9.72 9.64
N PHE A 90 43.32 10.77 9.00
CA PHE A 90 42.90 11.05 7.64
C PHE A 90 43.37 9.96 6.68
N GLU A 91 44.61 9.51 6.86
CA GLU A 91 45.17 8.45 6.01
C GLU A 91 44.46 7.13 6.22
N ASP A 92 43.88 6.91 7.40
CA ASP A 92 43.12 5.70 7.66
C ASP A 92 41.80 5.65 6.91
N ILE A 93 41.33 6.80 6.41
CA ILE A 93 39.99 6.84 5.83
C ILE A 93 39.84 5.83 4.72
N HIS A 94 40.87 5.71 3.87
CA HIS A 94 40.69 4.85 2.71
C HIS A 94 40.61 3.40 3.15
N HIS A 95 41.22 3.04 4.27
N HIS A 95 41.24 3.05 4.27
CA HIS A 95 41.07 1.67 4.74
CA HIS A 95 41.11 1.71 4.84
C HIS A 95 39.63 1.37 5.12
C HIS A 95 39.66 1.37 5.16
N TYR A 96 38.93 2.32 5.75
CA TYR A 96 37.53 2.08 6.11
C TYR A 96 36.67 2.00 4.86
N ARG A 97 36.85 2.95 3.96
CA ARG A 97 36.08 2.92 2.71
C ARG A 97 36.31 1.63 1.95
N GLU A 98 37.55 1.15 1.86
CA GLU A 98 37.82 -0.08 1.12
CA GLU A 98 37.78 -0.07 1.10
C GLU A 98 37.20 -1.29 1.82
N GLN A 99 37.15 -1.28 3.13
CA GLN A 99 36.59 -2.39 3.82
C GLN A 99 35.10 -2.46 3.57
N ILE A 100 34.43 -1.33 3.72
CA ILE A 100 32.98 -1.28 3.56
C ILE A 100 32.57 -1.75 2.18
N LYS A 101 33.28 -1.25 1.18
CA LYS A 101 33.02 -1.60 -0.18
C LYS A 101 33.20 -3.07 -0.45
N ARG A 102 34.25 -3.65 0.05
CA ARG A 102 34.47 -5.08 -0.12
C ARG A 102 33.37 -5.89 0.56
N VAL A 103 33.06 -5.56 1.82
CA VAL A 103 31.98 -6.26 2.52
C VAL A 103 30.69 -6.13 1.75
N LYS A 104 30.40 -4.93 1.26
CA LYS A 104 29.14 -4.74 0.57
C LYS A 104 29.21 -5.13 -0.90
N ASP A 105 30.38 -5.45 -1.42
CA ASP A 105 30.60 -5.77 -2.82
C ASP A 105 29.82 -4.78 -3.71
N SER A 106 30.13 -3.50 -3.50
CA SER A 106 29.45 -2.43 -4.19
C SER A 106 30.33 -1.19 -4.15
N GLU A 107 30.42 -0.49 -5.27
CA GLU A 107 31.19 0.72 -5.38
C GLU A 107 30.39 1.97 -5.08
N ASP A 108 29.10 1.80 -4.90
CA ASP A 108 28.16 2.91 -4.61
C ASP A 108 27.51 2.67 -3.23
N VAL A 109 28.26 2.97 -2.18
CA VAL A 109 27.78 2.90 -0.81
C VAL A 109 27.56 4.32 -0.33
N PRO A 110 26.34 4.69 0.11
CA PRO A 110 26.13 6.02 0.69
C PRO A 110 27.13 6.32 1.82
N MET A 111 27.79 7.46 1.72
CA MET A 111 28.91 7.76 2.58
C MET A 111 29.06 9.28 2.64
N VAL A 112 29.50 9.79 3.80
CA VAL A 112 29.87 11.20 3.95
C VAL A 112 31.21 11.26 4.66
N LEU A 113 32.15 12.05 4.12
CA LEU A 113 33.44 12.27 4.75
C LEU A 113 33.32 13.40 5.77
N VAL A 114 33.75 13.14 7.00
CA VAL A 114 33.57 14.06 8.12
C VAL A 114 34.95 14.41 8.68
N GLY A 115 35.28 15.69 8.67
CA GLY A 115 36.47 16.18 9.33
C GLY A 115 36.07 16.83 10.63
N ASN A 116 36.28 16.14 11.73
CA ASN A 116 35.84 16.56 13.05
C ASN A 116 36.94 17.34 13.77
N LYS A 117 36.53 17.97 14.88
CA LYS A 117 37.36 18.85 15.73
C LYS A 117 37.80 20.11 15.00
N CYS A 118 36.93 20.65 14.14
N CYS A 118 36.91 20.64 14.13
CA CYS A 118 37.33 21.86 13.43
CA CYS A 118 37.23 21.85 13.37
C CYS A 118 37.39 23.09 14.31
C CYS A 118 37.26 23.09 14.26
N ASP A 119 37.03 22.95 15.58
CA ASP A 119 37.22 24.02 16.55
C ASP A 119 38.69 24.22 16.95
N LEU A 120 39.58 23.28 16.62
CA LEU A 120 40.99 23.32 17.00
C LEU A 120 41.80 24.15 16.00
N PRO A 121 42.67 25.07 16.47
CA PRO A 121 43.54 25.80 15.53
C PRO A 121 44.76 25.02 15.04
N SER A 122 45.15 23.94 15.71
CA SER A 122 46.35 23.18 15.30
C SER A 122 46.06 22.20 14.16
N ARG A 123 45.46 22.72 13.08
CA ARG A 123 45.01 21.89 11.98
C ARG A 123 46.19 21.29 11.20
N THR A 124 46.15 19.99 10.94
CA THR A 124 47.19 19.35 10.14
C THR A 124 46.67 18.79 8.83
N VAL A 125 45.35 18.68 8.67
CA VAL A 125 44.74 18.23 7.43
C VAL A 125 43.99 19.41 6.83
N ASP A 126 44.44 19.85 5.64
CA ASP A 126 43.82 20.99 4.98
C ASP A 126 42.44 20.63 4.48
N THR A 127 41.52 21.59 4.57
CA THR A 127 40.18 21.38 4.04
C THR A 127 40.24 20.98 2.57
N LYS A 128 41.14 21.61 1.80
CA LYS A 128 41.23 21.32 0.37
C LYS A 128 41.60 19.87 0.11
N GLN A 129 42.55 19.33 0.88
CA GLN A 129 42.90 17.94 0.65
C GLN A 129 41.76 17.00 1.07
N ALA A 130 41.03 17.33 2.14
CA ALA A 130 39.84 16.52 2.46
C ALA A 130 38.80 16.66 1.35
N GLN A 131 38.61 17.86 0.82
CA GLN A 131 37.66 18.04 -0.27
C GLN A 131 38.08 17.23 -1.49
N ASP A 132 39.38 17.19 -1.77
CA ASP A 132 39.88 16.40 -2.89
C ASP A 132 39.59 14.93 -2.69
N LEU A 133 39.78 14.42 -1.46
CA LEU A 133 39.50 13.01 -1.25
C LEU A 133 38.03 12.72 -1.52
N ALA A 134 37.14 13.55 -0.97
CA ALA A 134 35.71 13.33 -1.13
C ALA A 134 35.30 13.46 -2.61
N ARG A 135 35.86 14.43 -3.32
CA ARG A 135 35.58 14.54 -4.75
C ARG A 135 35.98 13.27 -5.49
N SER A 136 37.16 12.74 -5.15
CA SER A 136 37.59 11.51 -5.84
C SER A 136 36.64 10.35 -5.56
N TYR A 137 36.00 10.36 -4.39
CA TYR A 137 35.01 9.34 -4.06
C TYR A 137 33.63 9.68 -4.59
N GLY A 138 33.40 10.95 -4.94
CA GLY A 138 32.06 11.41 -5.30
C GLY A 138 31.08 11.49 -4.13
N ILE A 139 31.55 11.87 -2.94
CA ILE A 139 30.71 11.91 -1.76
C ILE A 139 30.83 13.31 -1.14
N PRO A 140 29.86 13.72 -0.33
CA PRO A 140 29.99 15.02 0.34
C PRO A 140 31.10 15.00 1.38
N PHE A 141 31.61 16.21 1.67
CA PHE A 141 32.56 16.40 2.76
C PHE A 141 32.06 17.50 3.67
N ILE A 142 32.02 17.23 4.97
CA ILE A 142 31.46 18.13 5.97
C ILE A 142 32.44 18.24 7.15
N GLU A 143 32.71 19.47 7.59
CA GLU A 143 33.52 19.71 8.77
C GLU A 143 32.63 19.88 9.99
N THR A 144 33.03 19.27 11.09
CA THR A 144 32.22 19.27 12.29
C THR A 144 33.09 19.64 13.49
N SER A 145 32.42 20.11 14.53
CA SER A 145 32.98 20.09 15.89
C SER A 145 31.92 19.48 16.80
N ALA A 146 32.23 18.28 17.33
CA ALA A 146 31.38 17.75 18.40
C ALA A 146 31.43 18.63 19.64
N LYS A 147 32.52 19.38 19.81
CA LYS A 147 32.64 20.27 20.96
C LYS A 147 31.61 21.39 20.91
N THR A 148 31.48 22.05 19.76
CA THR A 148 30.56 23.19 19.63
C THR A 148 29.26 22.84 18.94
N ARG A 149 29.11 21.62 18.42
CA ARG A 149 27.99 21.09 17.65
C ARG A 149 27.96 21.59 16.20
N GLN A 150 28.95 22.34 15.75
CA GLN A 150 28.98 22.81 14.38
CA GLN A 150 28.99 22.81 14.37
C GLN A 150 28.96 21.64 13.40
N GLY A 151 28.04 21.70 12.42
CA GLY A 151 28.00 20.71 11.35
C GLY A 151 27.47 19.34 11.75
N VAL A 152 27.15 19.11 13.03
CA VAL A 152 26.77 17.77 13.46
C VAL A 152 25.50 17.32 12.73
N ASP A 153 24.41 18.07 12.86
CA ASP A 153 23.18 17.68 12.18
C ASP A 153 23.40 17.60 10.67
N ASP A 154 24.08 18.60 10.13
CA ASP A 154 24.35 18.62 8.69
C ASP A 154 25.01 17.32 8.24
N ALA A 155 25.93 16.76 9.04
CA ALA A 155 26.62 15.55 8.61
C ALA A 155 25.67 14.35 8.58
N PHE A 156 24.90 14.15 9.65
CA PHE A 156 23.98 13.01 9.70
C PHE A 156 22.81 13.20 8.71
N TYR A 157 22.25 14.40 8.61
CA TYR A 157 21.15 14.58 7.68
C TYR A 157 21.63 14.44 6.24
N THR A 158 22.84 14.92 5.95
CA THR A 158 23.34 14.77 4.59
C THR A 158 23.49 13.29 4.24
N LEU A 159 23.93 12.49 5.21
CA LEU A 159 24.05 11.04 4.96
C LEU A 159 22.68 10.41 4.73
N VAL A 160 21.68 10.80 5.52
CA VAL A 160 20.33 10.32 5.27
C VAL A 160 19.90 10.65 3.85
N ARG A 161 20.17 11.88 3.40
CA ARG A 161 19.80 12.25 2.05
C ARG A 161 20.54 11.39 1.02
N GLU A 162 21.80 11.04 1.30
CA GLU A 162 22.53 10.15 0.42
C GLU A 162 21.86 8.78 0.32
N ILE A 163 21.42 8.25 1.45
CA ILE A 163 20.76 6.95 1.44
C ILE A 163 19.46 7.02 0.65
N ARG A 164 18.67 8.07 0.91
CA ARG A 164 17.43 8.26 0.17
C ARG A 164 17.66 8.30 -1.34
N LYS A 165 18.70 9.00 -1.79
CA LYS A 165 18.98 9.07 -3.23
C LYS A 165 19.37 7.70 -3.78
N HIS A 166 20.16 6.95 -3.01
CA HIS A 166 20.53 5.60 -3.45
C HIS A 166 19.31 4.69 -3.51
N LYS A 167 18.48 4.70 -2.45
CA LYS A 167 17.28 3.86 -2.42
C LYS A 167 16.32 4.21 -3.55
N GLU A 168 16.16 5.50 -3.86
CA GLU A 168 15.30 5.86 -4.97
C GLU A 168 15.86 5.37 -6.30
N LYS A 169 17.19 5.37 -6.44
CA LYS A 169 17.82 4.78 -7.62
C LYS A 169 17.48 3.31 -7.75
N MET A 170 17.69 2.54 -6.67
CA MET A 170 17.56 1.08 -6.76
C MET A 170 16.12 0.66 -7.04
N SER A 171 15.14 1.36 -6.47
CA SER A 171 13.75 1.01 -6.71
C SER A 171 13.23 1.49 -8.05
N LYS A 172 14.09 2.10 -8.88
CA LYS A 172 13.77 2.42 -10.26
C LYS A 172 14.63 1.65 -11.25
N ASP A 173 15.65 0.95 -10.78
CA ASP A 173 16.51 0.13 -11.65
C ASP A 173 16.32 -1.34 -11.33
N LYS A 177 10.02 -2.19 -16.55
CA LYS A 177 9.81 -2.74 -17.88
C LYS A 177 10.75 -3.91 -18.17
N LYS A 178 10.56 -5.01 -17.46
CA LYS A 178 11.25 -6.26 -17.79
C LYS A 178 10.91 -6.67 -19.22
N LYS A 179 11.95 -6.95 -20.00
CA LYS A 179 11.82 -6.99 -21.46
C LYS A 179 11.44 -8.37 -21.97
N LYS A 180 10.65 -8.39 -23.05
CA LYS A 180 10.12 -9.58 -23.69
C LYS A 180 10.55 -9.58 -25.16
N SER A 181 10.22 -10.66 -25.87
CA SER A 181 10.80 -10.93 -27.19
C SER A 181 9.74 -10.92 -28.29
N LYS A 182 10.02 -10.17 -29.37
CA LYS A 182 9.14 -10.19 -30.53
C LYS A 182 9.42 -11.37 -31.44
N THR A 183 10.52 -12.09 -31.25
CA THR A 183 10.87 -13.16 -32.16
C THR A 183 10.78 -14.55 -31.57
N LYS A 184 10.76 -14.69 -30.25
CA LYS A 184 10.99 -15.95 -29.53
C LYS A 184 12.40 -16.52 -29.75
N CMT A 185 13.31 -15.72 -30.30
CA CMT A 185 14.65 -16.18 -30.56
C CMT A 185 15.70 -15.24 -29.96
O CMT A 185 16.90 -15.18 -30.23
CB CMT A 185 15.04 -16.40 -32.03
SG CMT A 185 14.09 -17.77 -32.62
OXT CMT A 185 15.29 -14.72 -28.76
C1 CMT A 185 16.23 -14.77 -27.69
N MET B 1 44.59 -10.53 -25.84
CA MET B 1 44.75 -11.02 -27.21
C MET B 1 45.33 -12.43 -27.24
N SER B 2 46.60 -12.55 -27.67
CA SER B 2 47.16 -13.84 -28.08
C SER B 2 47.12 -14.88 -26.96
N ALA B 3 47.35 -14.48 -25.71
CA ALA B 3 47.25 -15.41 -24.60
C ALA B 3 45.81 -15.93 -24.43
N LYS B 4 44.83 -15.04 -24.64
CA LYS B 4 43.43 -15.45 -24.55
C LYS B 4 42.87 -15.86 -25.90
N ASP B 5 43.47 -15.35 -26.99
CA ASP B 5 43.16 -15.89 -28.31
C ASP B 5 43.38 -17.39 -28.35
N GLU B 6 44.42 -17.89 -27.66
CA GLU B 6 44.68 -19.32 -27.64
C GLU B 6 43.71 -20.04 -26.71
N ARG B 7 43.40 -19.43 -25.57
CA ARG B 7 42.39 -20.01 -24.68
C ARG B 7 41.04 -20.10 -25.37
N ALA B 8 40.62 -19.01 -26.03
CA ALA B 8 39.38 -19.03 -26.80
C ALA B 8 39.40 -20.13 -27.85
N ARG B 9 40.54 -20.29 -28.53
CA ARG B 9 40.63 -21.33 -29.55
C ARG B 9 40.54 -22.73 -28.95
N GLU B 10 41.10 -22.94 -27.76
CA GLU B 10 41.00 -24.26 -27.13
C GLU B 10 39.57 -24.57 -26.75
N ILE B 11 38.89 -23.62 -26.10
CA ILE B 11 37.50 -23.86 -25.71
C ILE B 11 36.66 -24.20 -26.93
N LEU B 12 36.80 -23.39 -27.99
CA LEU B 12 36.00 -23.59 -29.19
C LEU B 12 36.30 -24.94 -29.84
N ARG B 13 37.58 -25.34 -29.83
CA ARG B 13 37.96 -26.66 -30.34
C ARG B 13 37.17 -27.79 -29.68
N GLY B 14 36.96 -27.70 -28.36
CA GLY B 14 36.27 -28.74 -27.63
C GLY B 14 34.80 -28.52 -27.39
N PHE B 15 34.19 -27.54 -28.06
CA PHE B 15 32.79 -27.20 -27.84
C PHE B 15 31.95 -27.76 -28.98
N LYS B 16 30.77 -28.30 -28.63
CA LYS B 16 29.81 -28.73 -29.63
C LYS B 16 28.42 -28.42 -29.13
N LEU B 17 27.58 -27.85 -30.00
CA LEU B 17 26.15 -27.77 -29.76
C LEU B 17 25.55 -29.05 -30.31
N ASN B 18 24.92 -29.85 -29.44
CA ASN B 18 24.36 -31.12 -29.88
C ASN B 18 22.97 -30.94 -30.48
N TRP B 19 22.11 -30.18 -29.81
CA TRP B 19 20.77 -29.96 -30.31
C TRP B 19 20.18 -28.74 -29.62
N MET B 20 19.09 -28.24 -30.22
CA MET B 20 18.34 -27.12 -29.67
C MET B 20 16.86 -27.38 -29.90
N ASN B 21 16.06 -27.12 -28.87
CA ASN B 21 14.60 -27.24 -28.89
C ASN B 21 13.98 -25.89 -28.64
N LEU B 22 12.79 -25.69 -29.18
CA LEU B 22 11.84 -24.69 -28.69
C LEU B 22 10.58 -25.43 -28.27
N ARG B 23 10.18 -25.26 -27.01
CA ARG B 23 8.94 -25.82 -26.48
C ARG B 23 8.01 -24.71 -26.03
N ASP B 24 6.71 -24.96 -26.15
CA ASP B 24 5.74 -24.08 -25.52
C ASP B 24 5.92 -24.18 -24.00
N ALA B 25 6.09 -23.03 -23.34
CA ALA B 25 6.32 -23.04 -21.90
C ALA B 25 5.14 -23.62 -21.13
N GLU B 26 3.93 -23.36 -21.59
CA GLU B 26 2.75 -23.83 -20.86
C GLU B 26 2.54 -25.33 -21.01
N THR B 27 2.54 -25.84 -22.24
CA THR B 27 2.20 -27.25 -22.47
C THR B 27 3.41 -28.16 -22.52
N GLY B 28 4.59 -27.61 -22.78
CA GLY B 28 5.75 -28.47 -22.94
C GLY B 28 5.91 -29.08 -24.33
N LYS B 29 4.99 -28.79 -25.26
CA LYS B 29 5.06 -29.40 -26.58
C LYS B 29 6.24 -28.85 -27.36
N ILE B 30 7.04 -29.76 -27.92
CA ILE B 30 8.15 -29.36 -28.79
C ILE B 30 7.58 -28.72 -30.05
N LEU B 31 7.98 -27.47 -30.30
CA LEU B 31 7.55 -26.74 -31.49
C LEU B 31 8.59 -26.76 -32.60
N TRP B 32 9.86 -26.89 -32.25
CA TRP B 32 10.91 -26.87 -33.25
C TRP B 32 12.13 -27.52 -32.62
N GLN B 33 12.86 -28.26 -33.43
CA GLN B 33 14.11 -28.86 -32.99
C GLN B 33 15.13 -28.64 -34.10
N GLY B 34 16.34 -28.27 -33.69
CA GLY B 34 17.36 -27.83 -34.63
C GLY B 34 18.24 -28.97 -35.12
N THR B 35 18.54 -28.94 -36.41
CA THR B 35 19.38 -29.94 -37.05
C THR B 35 20.81 -29.42 -37.21
N GLU B 36 21.06 -28.65 -38.26
CA GLU B 36 22.36 -28.01 -38.48
C GLU B 36 22.84 -27.31 -37.21
N ASP B 37 24.12 -27.51 -36.88
CA ASP B 37 24.74 -26.85 -35.74
C ASP B 37 24.81 -25.34 -36.01
N LEU B 38 24.20 -24.55 -35.14
CA LEU B 38 24.05 -23.12 -35.39
C LEU B 38 25.10 -22.27 -34.71
N SER B 39 26.00 -22.88 -33.93
CA SER B 39 27.04 -22.13 -33.23
C SER B 39 28.30 -21.90 -34.05
N VAL B 40 28.46 -22.58 -35.17
CA VAL B 40 29.70 -22.55 -35.97
C VAL B 40 29.94 -21.14 -36.53
N PRO B 41 31.01 -20.48 -36.12
CA PRO B 41 31.30 -19.15 -36.65
C PRO B 41 31.66 -19.18 -38.14
N GLY B 42 31.58 -18.00 -38.75
CA GLY B 42 32.07 -17.81 -40.10
C GLY B 42 31.06 -18.05 -41.21
N VAL B 43 29.94 -18.70 -40.91
CA VAL B 43 28.91 -18.92 -41.92
C VAL B 43 27.57 -18.40 -41.38
N GLU B 44 26.71 -17.97 -42.29
CA GLU B 44 25.36 -17.53 -41.93
C GLU B 44 24.44 -18.75 -41.92
N HIS B 45 24.09 -19.21 -40.73
CA HIS B 45 23.18 -20.33 -40.61
C HIS B 45 21.75 -19.87 -40.87
N GLU B 46 20.90 -20.81 -41.24
CA GLU B 46 19.50 -20.57 -41.49
C GLU B 46 18.67 -21.41 -40.54
N ALA B 47 17.51 -20.92 -40.18
CA ALA B 47 16.62 -21.64 -39.32
C ALA B 47 15.22 -21.32 -39.71
N ARG B 48 14.44 -22.37 -39.87
CA ARG B 48 13.06 -22.26 -40.23
C ARG B 48 12.24 -22.71 -39.06
N VAL B 49 11.53 -21.81 -38.45
CA VAL B 49 10.70 -22.15 -37.32
C VAL B 49 9.25 -21.86 -37.60
N PRO B 50 8.35 -22.65 -37.04
CA PRO B 50 6.91 -22.50 -37.24
C PRO B 50 6.42 -21.16 -36.79
N LYS B 51 5.58 -20.55 -37.61
CA LYS B 51 5.10 -19.22 -37.28
C LYS B 51 4.30 -19.19 -35.99
N LYS B 52 3.72 -20.32 -35.57
CA LYS B 52 2.93 -20.35 -34.34
C LYS B 52 3.74 -20.04 -33.09
N ILE B 53 5.09 -20.16 -33.15
CA ILE B 53 5.85 -19.83 -31.94
C ILE B 53 5.61 -18.37 -31.54
N LEU B 54 5.36 -17.49 -32.52
CA LEU B 54 5.08 -16.09 -32.19
C LEU B 54 3.79 -15.93 -31.38
N LYS B 55 2.88 -16.90 -31.45
CA LYS B 55 1.64 -16.84 -30.69
C LYS B 55 1.76 -17.40 -29.28
N CYS B 56 2.83 -18.14 -28.99
CA CYS B 56 3.09 -18.60 -27.63
C CYS B 56 3.23 -17.44 -26.67
N LYS B 57 2.57 -17.56 -25.52
CA LYS B 57 2.85 -16.62 -24.44
C LYS B 57 4.30 -16.71 -24.01
N ALA B 58 4.86 -17.92 -24.00
CA ALA B 58 6.28 -18.05 -23.71
C ALA B 58 6.78 -19.35 -24.29
N VAL B 59 8.06 -19.36 -24.66
CA VAL B 59 8.67 -20.60 -25.13
C VAL B 59 9.85 -20.92 -24.22
N SER B 60 10.14 -22.20 -24.08
CA SER B 60 11.35 -22.64 -23.41
C SER B 60 12.37 -23.04 -24.47
N ARG B 61 13.52 -22.41 -24.46
CA ARG B 61 14.60 -22.79 -25.38
C ARG B 61 15.57 -23.69 -24.63
N GLU B 62 15.84 -24.86 -25.18
CA GLU B 62 16.79 -25.81 -24.60
C GLU B 62 17.98 -25.98 -25.53
N LEU B 63 19.18 -25.77 -24.98
CA LEU B 63 20.44 -26.03 -25.67
C LEU B 63 21.13 -27.19 -24.98
N ASN B 64 21.57 -28.17 -25.75
CA ASN B 64 22.44 -29.24 -25.23
C ASN B 64 23.81 -29.09 -25.87
N PHE B 65 24.83 -28.88 -25.03
CA PHE B 65 26.18 -28.66 -25.52
C PHE B 65 27.16 -29.50 -24.72
N SER B 66 28.29 -29.82 -25.34
CA SER B 66 29.42 -30.48 -24.71
C SER B 66 30.64 -29.58 -24.76
N SER B 67 31.51 -29.73 -23.78
CA SER B 67 32.73 -28.93 -23.69
C SER B 67 33.83 -29.77 -23.08
N THR B 68 34.91 -30.02 -23.84
CA THR B 68 36.08 -30.63 -23.24
C THR B 68 36.74 -29.71 -22.23
N GLU B 69 36.68 -28.40 -22.44
CA GLU B 69 37.35 -27.47 -21.55
C GLU B 69 36.40 -27.04 -20.42
N GLN B 70 36.98 -26.83 -19.25
CA GLN B 70 36.27 -26.20 -18.14
C GLN B 70 36.02 -24.73 -18.46
N MET B 71 34.87 -24.23 -18.00
CA MET B 71 34.54 -22.80 -18.05
C MET B 71 33.96 -22.37 -16.71
N GLU B 72 34.39 -21.20 -16.24
CA GLU B 72 33.89 -20.70 -14.97
CA GLU B 72 33.89 -20.70 -14.97
C GLU B 72 32.58 -19.95 -15.13
N LYS B 73 32.40 -19.22 -16.26
CA LYS B 73 31.22 -18.36 -16.44
C LYS B 73 30.79 -18.37 -17.91
N PHE B 74 30.31 -19.52 -18.36
CA PHE B 74 29.82 -19.68 -19.72
C PHE B 74 28.57 -18.81 -19.90
N ARG B 75 28.56 -17.98 -20.95
CA ARG B 75 27.42 -17.11 -21.14
C ARG B 75 27.29 -16.73 -22.61
N LEU B 76 26.09 -16.27 -22.96
CA LEU B 76 25.77 -15.81 -24.31
C LEU B 76 25.25 -14.38 -24.26
N GLU B 77 25.67 -13.59 -25.26
CA GLU B 77 25.04 -12.33 -25.59
C GLU B 77 24.42 -12.46 -26.96
N GLN B 78 23.15 -12.09 -27.10
CA GLN B 78 22.47 -12.22 -28.39
C GLN B 78 21.91 -10.87 -28.78
N LYS B 79 22.16 -10.47 -30.02
CA LYS B 79 21.57 -9.28 -30.62
C LYS B 79 20.64 -9.76 -31.72
N VAL B 80 19.43 -9.21 -31.75
CA VAL B 80 18.43 -9.60 -32.72
C VAL B 80 18.22 -8.40 -33.61
N TYR B 81 18.50 -8.56 -34.91
CA TYR B 81 18.43 -7.48 -35.88
C TYR B 81 17.22 -7.69 -36.77
N PHE B 82 16.46 -6.63 -36.99
CA PHE B 82 15.39 -6.64 -37.99
C PHE B 82 15.77 -5.67 -39.12
N LYS B 83 15.98 -6.21 -40.32
CA LYS B 83 16.48 -5.43 -41.46
C LYS B 83 17.65 -4.53 -41.06
N GLY B 84 18.52 -5.05 -40.20
CA GLY B 84 19.70 -4.32 -39.78
C GLY B 84 19.52 -3.43 -38.57
N GLN B 85 18.30 -3.26 -38.07
CA GLN B 85 18.05 -2.45 -36.89
C GLN B 85 17.98 -3.36 -35.67
N CYS B 86 18.71 -3.02 -34.63
CA CYS B 86 18.70 -3.84 -33.43
C CYS B 86 17.32 -3.81 -32.83
N LEU B 87 16.65 -4.95 -32.82
CA LEU B 87 15.32 -5.15 -32.27
C LEU B 87 15.34 -5.56 -30.81
N GLU B 88 16.25 -6.47 -30.45
CA GLU B 88 16.31 -7.05 -29.12
C GLU B 88 17.77 -7.23 -28.73
N GLU B 89 18.03 -7.19 -27.43
CA GLU B 89 19.34 -7.54 -26.92
C GLU B 89 19.12 -8.39 -25.70
N TRP B 90 19.77 -9.55 -25.65
CA TRP B 90 19.54 -10.54 -24.60
C TRP B 90 20.87 -11.01 -24.02
N PHE B 91 20.85 -11.30 -22.73
CA PHE B 91 22.00 -11.87 -22.04
C PHE B 91 21.53 -13.13 -21.33
N PHE B 92 22.24 -14.23 -21.54
CA PHE B 92 21.93 -15.50 -20.88
C PHE B 92 23.20 -15.99 -20.21
N GLU B 93 23.08 -16.49 -18.97
CA GLU B 93 24.24 -16.97 -18.23
C GLU B 93 24.05 -18.43 -17.84
N PHE B 94 25.08 -19.25 -18.07
CA PHE B 94 25.03 -20.65 -17.66
C PHE B 94 25.79 -20.88 -16.36
N GLY B 95 26.95 -20.24 -16.24
CA GLY B 95 27.84 -20.47 -15.11
C GLY B 95 28.91 -21.51 -15.37
N PHE B 96 29.19 -22.30 -14.33
CA PHE B 96 30.34 -23.20 -14.33
C PHE B 96 30.09 -24.42 -15.20
N VAL B 97 31.04 -24.75 -16.06
CA VAL B 97 30.97 -25.90 -16.94
C VAL B 97 32.09 -26.86 -16.56
N ILE B 98 31.71 -28.07 -16.16
CA ILE B 98 32.63 -29.15 -15.83
C ILE B 98 33.34 -29.62 -17.09
N PRO B 99 34.66 -29.83 -17.06
CA PRO B 99 35.35 -30.37 -18.24
C PRO B 99 34.79 -31.71 -18.69
N ASN B 100 34.67 -31.86 -20.02
CA ASN B 100 34.18 -33.08 -20.67
C ASN B 100 32.72 -33.40 -20.35
N SER B 101 31.96 -32.41 -19.86
CA SER B 101 30.56 -32.61 -19.55
C SER B 101 29.67 -32.33 -20.75
N THR B 102 28.44 -32.82 -20.65
CA THR B 102 27.36 -32.56 -21.60
C THR B 102 26.21 -31.99 -20.79
N ASN B 103 25.68 -30.84 -21.23
CA ASN B 103 24.79 -30.04 -20.40
C ASN B 103 23.59 -29.62 -21.21
N THR B 104 22.43 -29.63 -20.55
CA THR B 104 21.21 -29.05 -21.10
C THR B 104 20.98 -27.71 -20.43
N TRP B 105 20.76 -26.69 -21.25
CA TRP B 105 20.61 -25.32 -20.78
C TRP B 105 19.25 -24.81 -21.23
N GLN B 106 18.43 -24.43 -20.27
CA GLN B 106 17.05 -24.00 -20.49
C GLN B 106 16.91 -22.51 -20.21
N SER B 107 16.30 -21.79 -21.14
CA SER B 107 16.05 -20.37 -20.98
C SER B 107 14.60 -20.10 -21.34
N LEU B 108 13.93 -19.30 -20.52
CA LEU B 108 12.52 -18.98 -20.76
C LEU B 108 12.42 -17.67 -21.51
N ILE B 109 11.67 -17.67 -22.62
CA ILE B 109 11.55 -16.48 -23.46
C ILE B 109 10.07 -16.16 -23.60
N GLU B 110 9.64 -15.06 -23.01
CA GLU B 110 8.26 -14.63 -23.01
C GLU B 110 7.95 -13.78 -24.22
N ALA B 111 6.68 -13.73 -24.59
CA ALA B 111 6.26 -12.92 -25.72
C ALA B 111 6.15 -11.45 -25.34
N ALA B 112 6.42 -10.58 -26.31
CA ALA B 112 6.13 -9.17 -26.16
C ALA B 112 4.62 -8.97 -26.03
N PRO B 113 4.16 -7.82 -25.54
CA PRO B 113 2.72 -7.55 -25.53
C PRO B 113 2.16 -7.62 -26.95
N GLU B 114 0.91 -8.07 -27.05
CA GLU B 114 0.28 -8.21 -28.36
C GLU B 114 0.34 -6.93 -29.17
N SER B 115 0.13 -5.78 -28.54
CA SER B 115 0.20 -4.51 -29.26
C SER B 115 1.58 -4.23 -29.84
N GLN B 116 2.61 -4.96 -29.42
CA GLN B 116 3.94 -4.75 -29.94
C GLN B 116 4.43 -5.93 -30.76
N MET B 117 3.57 -6.91 -31.03
CA MET B 117 3.96 -8.07 -31.83
C MET B 117 4.11 -7.74 -33.31
N MET B 118 5.10 -8.36 -33.93
CA MET B 118 5.22 -8.16 -35.34
C MET B 118 4.79 -9.41 -36.10
N PRO B 119 4.20 -9.24 -37.27
CA PRO B 119 3.73 -10.39 -38.06
C PRO B 119 4.88 -11.26 -38.54
N ALA B 120 4.65 -12.59 -38.55
CA ALA B 120 5.63 -13.52 -39.12
C ALA B 120 6.04 -13.11 -40.53
N SER B 121 5.07 -12.71 -41.35
CA SER B 121 5.36 -12.42 -42.74
C SER B 121 6.27 -11.20 -42.89
N VAL B 122 6.30 -10.33 -41.88
CA VAL B 122 7.21 -9.20 -41.90
C VAL B 122 8.58 -9.61 -41.37
N LEU B 123 8.61 -10.47 -40.35
CA LEU B 123 9.88 -10.87 -39.73
C LEU B 123 10.66 -11.84 -40.59
N THR B 124 9.96 -12.73 -41.30
CA THR B 124 10.62 -13.89 -41.87
C THR B 124 11.68 -13.49 -42.90
N GLY B 125 12.89 -14.03 -42.73
CA GLY B 125 14.01 -13.70 -43.57
C GLY B 125 14.64 -12.35 -43.31
N ASN B 126 14.06 -11.51 -42.46
CA ASN B 126 14.65 -10.22 -42.12
C ASN B 126 15.25 -10.18 -40.73
N VAL B 127 15.27 -11.30 -40.01
CA VAL B 127 15.80 -11.35 -38.66
C VAL B 127 17.14 -12.05 -38.68
N ILE B 128 18.15 -11.40 -38.11
CA ILE B 128 19.45 -12.00 -37.85
C ILE B 128 19.66 -12.00 -36.35
N ILE B 129 20.08 -13.14 -35.82
CA ILE B 129 20.46 -13.26 -34.42
C ILE B 129 21.97 -13.44 -34.42
N GLU B 130 22.67 -12.50 -33.82
CA GLU B 130 24.10 -12.58 -33.64
C GLU B 130 24.37 -13.02 -32.20
N THR B 131 25.08 -14.11 -32.06
CA THR B 131 25.39 -14.64 -30.78
C THR B 131 26.86 -14.62 -30.43
N LYS B 132 27.17 -14.01 -29.31
CA LYS B 132 28.50 -14.00 -28.82
C LYS B 132 28.58 -14.97 -27.65
N PHE B 133 29.53 -15.86 -27.75
CA PHE B 133 29.81 -16.91 -26.81
C PHE B 133 31.00 -16.48 -25.97
N PHE B 134 30.78 -16.28 -24.69
CA PHE B 134 31.83 -15.91 -23.78
C PHE B 134 32.06 -16.89 -22.65
N ASP B 135 33.24 -16.81 -22.07
CA ASP B 135 33.59 -17.46 -20.83
C ASP B 135 34.04 -16.24 -20.03
N ASP B 136 33.17 -15.77 -19.17
CA ASP B 136 33.36 -14.53 -18.39
C ASP B 136 33.59 -13.38 -19.35
N ASP B 137 34.75 -12.73 -19.34
CA ASP B 137 35.02 -11.63 -20.26
C ASP B 137 35.74 -12.08 -21.51
N LEU B 138 35.91 -13.39 -21.71
CA LEU B 138 36.66 -13.90 -22.86
C LEU B 138 35.71 -14.24 -24.01
N LEU B 139 35.86 -13.54 -25.15
CA LEU B 139 35.02 -13.81 -26.31
C LEU B 139 35.53 -15.03 -27.06
N VAL B 140 34.71 -16.07 -27.15
CA VAL B 140 35.11 -17.34 -27.72
C VAL B 140 34.75 -17.45 -29.19
N SER B 141 33.55 -17.01 -29.57
CA SER B 141 33.13 -17.09 -30.96
C SER B 141 31.96 -16.13 -31.16
N THR B 142 31.74 -15.78 -32.42
CA THR B 142 30.61 -14.99 -32.87
C THR B 142 29.96 -15.74 -34.03
N SER B 143 28.63 -15.93 -33.96
CA SER B 143 27.90 -16.68 -34.96
C SER B 143 26.59 -15.96 -35.25
N ARG B 144 25.98 -16.29 -36.38
CA ARG B 144 24.83 -15.57 -36.88
C ARG B 144 23.85 -16.56 -37.46
N VAL B 145 22.57 -16.30 -37.23
CA VAL B 145 21.48 -17.14 -37.75
C VAL B 145 20.45 -16.21 -38.38
N ARG B 146 20.01 -16.56 -39.58
CA ARG B 146 18.92 -15.88 -40.26
C ARG B 146 17.64 -16.69 -40.04
N LEU B 147 16.59 -16.01 -39.57
CA LEU B 147 15.40 -16.67 -39.08
C LEU B 147 14.28 -16.54 -40.11
N PHE B 148 13.67 -17.67 -40.46
CA PHE B 148 12.45 -17.73 -41.24
C PHE B 148 11.33 -18.29 -40.38
N TYR B 149 10.12 -17.75 -40.55
CA TYR B 149 8.92 -18.28 -39.88
C TYR B 149 8.07 -18.96 -40.94
N VAL B 150 7.95 -20.28 -40.86
CA VAL B 150 7.29 -21.06 -41.89
C VAL B 150 5.94 -21.60 -41.42
N THR C 2 -1.69 17.73 8.34
CA THR C 2 -2.82 16.94 7.85
C THR C 2 -3.88 17.82 7.18
N GLU C 3 -4.79 17.17 6.45
CA GLU C 3 -5.90 17.83 5.80
C GLU C 3 -7.10 17.90 6.74
N TYR C 4 -7.81 19.03 6.71
CA TYR C 4 -9.04 19.19 7.50
C TYR C 4 -10.02 20.03 6.69
N LYS C 5 -11.10 19.41 6.25
CA LYS C 5 -12.14 20.09 5.50
C LYS C 5 -13.22 20.62 6.45
N LEU C 6 -13.26 21.93 6.60
CA LEU C 6 -14.17 22.60 7.52
C LEU C 6 -15.27 23.27 6.72
N VAL C 7 -16.50 23.17 7.22
CA VAL C 7 -17.64 23.75 6.52
C VAL C 7 -18.41 24.65 7.47
N VAL C 8 -18.68 25.87 7.04
CA VAL C 8 -19.40 26.84 7.85
C VAL C 8 -20.82 26.96 7.34
N VAL C 9 -21.79 26.58 8.19
CA VAL C 9 -23.21 26.56 7.86
C VAL C 9 -23.99 27.44 8.83
N GLY C 10 -25.23 27.75 8.46
CA GLY C 10 -26.07 28.64 9.26
C GLY C 10 -26.93 29.55 8.40
N ALA C 11 -27.94 30.17 9.01
CA ALA C 11 -28.87 31.05 8.29
C ALA C 11 -28.12 32.17 7.57
N GLY C 12 -28.84 32.88 6.70
CA GLY C 12 -28.22 33.95 5.93
C GLY C 12 -28.05 35.18 6.81
N GLY C 13 -26.87 35.79 6.75
CA GLY C 13 -26.62 36.97 7.55
C GLY C 13 -26.11 36.72 8.97
N VAL C 14 -25.76 35.48 9.31
CA VAL C 14 -25.22 35.20 10.64
C VAL C 14 -23.74 35.53 10.73
N GLY C 15 -23.05 35.64 9.59
CA GLY C 15 -21.65 35.99 9.57
C GLY C 15 -20.73 34.87 9.12
N LYS C 16 -21.25 33.90 8.37
CA LYS C 16 -20.40 32.83 7.88
C LYS C 16 -19.26 33.37 7.03
N SER C 17 -19.55 34.34 6.17
CA SER C 17 -18.51 34.93 5.33
C SER C 17 -17.54 35.74 6.18
N ALA C 18 -18.08 36.59 7.08
CA ALA C 18 -17.22 37.41 7.93
C ALA C 18 -16.35 36.56 8.84
N LEU C 19 -16.87 35.45 9.37
CA LEU C 19 -16.01 34.55 10.14
C LEU C 19 -14.92 33.95 9.27
N THR C 20 -15.27 33.46 8.08
CA THR C 20 -14.30 32.84 7.20
C THR C 20 -13.20 33.84 6.79
N ILE C 21 -13.58 35.07 6.44
CA ILE C 21 -12.58 36.02 5.97
C ILE C 21 -11.76 36.55 7.14
N GLN C 22 -12.37 36.70 8.31
CA GLN C 22 -11.61 37.12 9.48
C GLN C 22 -10.51 36.12 9.80
N LEU C 23 -10.83 34.82 9.73
CA LEU C 23 -9.85 33.81 10.09
C LEU C 23 -8.70 33.76 9.10
N ILE C 24 -8.98 34.02 7.83
CA ILE C 24 -8.00 33.92 6.75
C ILE C 24 -7.30 35.25 6.52
N GLN C 25 -8.08 36.31 6.26
CA GLN C 25 -7.53 37.61 5.89
C GLN C 25 -7.27 38.51 7.09
N ASN C 26 -7.60 38.08 8.30
CA ASN C 26 -7.25 38.80 9.53
CA ASN C 26 -7.28 38.79 9.54
C ASN C 26 -7.83 40.22 9.54
N HIS C 27 -9.03 40.38 8.97
CA HIS C 27 -9.67 41.69 8.95
C HIS C 27 -11.17 41.50 8.84
N PHE C 28 -11.90 42.59 9.06
CA PHE C 28 -13.35 42.61 9.02
C PHE C 28 -13.80 43.82 8.22
N VAL C 29 -14.55 43.59 7.15
CA VAL C 29 -14.88 44.61 6.17
C VAL C 29 -16.35 44.98 6.29
N ASP C 30 -16.62 46.29 6.31
CA ASP C 30 -17.98 46.83 6.37
C ASP C 30 -18.82 46.23 7.50
N ASP C 38 -16.29 28.24 -3.28
CA ASP C 38 -15.85 29.36 -2.44
C ASP C 38 -15.02 28.86 -1.28
N SER C 39 -14.27 27.81 -1.51
CA SER C 39 -13.43 27.27 -0.47
C SER C 39 -12.06 27.90 -0.51
N TYR C 40 -11.36 27.89 0.61
CA TYR C 40 -10.07 28.50 0.65
C TYR C 40 -9.14 27.73 1.54
N ARG C 41 -7.93 27.53 1.05
CA ARG C 41 -6.92 26.77 1.76
C ARG C 41 -6.00 27.66 2.52
N LYS C 42 -5.93 27.47 3.81
CA LYS C 42 -5.03 28.22 4.61
C LYS C 42 -4.22 27.27 5.48
N GLN C 43 -2.91 27.44 5.49
CA GLN C 43 -2.02 26.61 6.29
C GLN C 43 -1.89 27.24 7.64
N VAL C 44 -1.74 26.44 8.67
CA VAL C 44 -1.66 27.01 10.01
C VAL C 44 -1.20 25.93 10.97
N VAL C 45 -0.55 26.35 12.04
CA VAL C 45 -0.14 25.44 13.09
C VAL C 45 -1.23 25.41 14.15
N ILE C 46 -1.68 24.20 14.48
CA ILE C 46 -2.71 23.96 15.49
C ILE C 46 -2.09 23.06 16.54
N ASP C 47 -2.08 23.53 17.79
CA ASP C 47 -1.37 22.87 18.88
C ASP C 47 0.11 22.72 18.51
N GLY C 48 0.56 21.49 18.33
CA GLY C 48 1.88 21.26 17.80
C GLY C 48 1.86 20.50 16.49
N GLU C 49 1.34 21.11 15.43
CA GLU C 49 1.26 20.47 14.13
C GLU C 49 0.85 21.48 13.08
N THR C 50 1.36 21.29 11.87
CA THR C 50 0.95 22.07 10.70
C THR C 50 -0.29 21.44 10.07
N CYS C 51 -1.23 22.28 9.65
CA CYS C 51 -2.49 21.82 9.11
C CYS C 51 -2.87 22.61 7.86
N LEU C 52 -3.41 21.90 6.87
CA LEU C 52 -4.03 22.53 5.72
C LEU C 52 -5.53 22.50 5.93
N LEU C 53 -6.14 23.68 6.02
CA LEU C 53 -7.57 23.82 6.29
C LEU C 53 -8.27 24.19 5.00
N ASP C 54 -9.05 23.25 4.46
CA ASP C 54 -9.95 23.53 3.34
C ASP C 54 -11.25 24.03 3.94
N ILE C 55 -11.49 25.33 3.87
CA ILE C 55 -12.59 25.96 4.60
C ILE C 55 -13.63 26.46 3.61
N LEU C 56 -14.84 25.94 3.74
CA LEU C 56 -15.94 26.31 2.87
C LEU C 56 -16.93 27.18 3.64
N ASP C 57 -17.11 28.41 3.16
CA ASP C 57 -18.24 29.24 3.53
C ASP C 57 -19.40 28.89 2.59
N THR C 58 -20.51 28.45 3.17
CA THR C 58 -21.62 27.92 2.37
C THR C 58 -22.61 28.99 1.94
N ALA C 59 -22.35 30.27 2.23
CA ALA C 59 -23.35 31.32 2.02
C ALA C 59 -23.93 31.30 0.61
N GLY C 60 -23.13 30.96 -0.39
CA GLY C 60 -23.65 30.94 -1.74
C GLY C 60 -24.10 29.58 -2.20
N GLN C 61 -23.39 28.52 -1.76
CA GLN C 61 -23.71 27.18 -2.25
C GLN C 61 -25.01 26.63 -1.65
N GLU C 62 -25.46 27.14 -0.51
CA GLU C 62 -26.54 26.49 0.22
C GLU C 62 -27.82 26.40 -0.61
N GLU C 63 -28.05 27.38 -1.51
CA GLU C 63 -29.26 27.41 -2.34
C GLU C 63 -29.34 26.25 -3.33
N TYR C 64 -28.24 25.55 -3.59
CA TYR C 64 -28.20 24.60 -4.69
C TYR C 64 -28.10 23.19 -4.12
N SER C 65 -29.11 22.36 -4.43
CA SER C 65 -29.24 21.05 -3.79
C SER C 65 -27.98 20.22 -3.98
N ALA C 66 -27.43 20.21 -5.19
CA ALA C 66 -26.25 19.39 -5.42
C ALA C 66 -25.03 19.95 -4.68
N MET C 67 -24.88 21.28 -4.64
CA MET C 67 -23.77 21.86 -3.90
C MET C 67 -23.93 21.57 -2.41
N ARG C 68 -25.14 21.78 -1.89
CA ARG C 68 -25.44 21.56 -0.47
C ARG C 68 -25.17 20.12 -0.07
N ASP C 69 -25.80 19.17 -0.78
CA ASP C 69 -25.48 17.76 -0.58
C ASP C 69 -23.98 17.52 -0.61
N GLN C 70 -23.27 18.15 -1.56
CA GLN C 70 -21.86 17.85 -1.74
C GLN C 70 -21.04 18.26 -0.52
N TYR C 71 -21.22 19.49 -0.04
CA TYR C 71 -20.35 19.92 1.05
C TYR C 71 -20.73 19.27 2.38
N MET C 72 -21.96 18.80 2.51
CA MET C 72 -22.33 18.09 3.72
C MET C 72 -21.72 16.70 3.80
N ARG C 73 -21.31 16.11 2.67
CA ARG C 73 -20.64 14.83 2.76
C ARG C 73 -19.13 14.93 2.75
N THR C 74 -18.58 16.02 2.21
CA THR C 74 -17.13 16.19 2.18
C THR C 74 -16.60 16.85 3.44
N GLY C 75 -17.39 17.72 4.07
CA GLY C 75 -16.97 18.32 5.32
C GLY C 75 -16.67 17.28 6.37
N GLU C 76 -15.54 17.44 7.06
CA GLU C 76 -15.23 16.60 8.21
C GLU C 76 -15.66 17.24 9.52
N GLY C 77 -15.69 18.57 9.58
CA GLY C 77 -16.23 19.27 10.71
C GLY C 77 -17.14 20.38 10.20
N PHE C 78 -18.07 20.80 11.04
CA PHE C 78 -19.05 21.79 10.66
C PHE C 78 -19.17 22.84 11.75
N LEU C 79 -18.92 24.09 11.41
CA LEU C 79 -19.29 25.20 12.27
C LEU C 79 -20.76 25.52 12.00
N CYS C 80 -21.61 25.33 13.02
CA CYS C 80 -23.04 25.68 12.94
C CYS C 80 -23.23 27.04 13.60
N VAL C 81 -23.41 28.07 12.78
CA VAL C 81 -23.35 29.46 13.22
C VAL C 81 -24.76 30.03 13.31
N PHE C 82 -25.06 30.68 14.43
CA PHE C 82 -26.18 31.58 14.54
C PHE C 82 -25.66 32.90 15.08
N ALA C 83 -26.48 33.93 14.95
CA ALA C 83 -26.19 35.23 15.50
C ALA C 83 -26.96 35.40 16.80
N ILE C 84 -26.27 35.87 17.85
CA ILE C 84 -26.89 36.03 19.16
C ILE C 84 -27.98 37.09 19.20
N ASN C 85 -28.17 37.86 18.13
CA ASN C 85 -29.24 38.84 18.09
C ASN C 85 -30.33 38.47 17.08
N ASN C 86 -30.36 37.22 16.62
CA ASN C 86 -31.36 36.74 15.68
C ASN C 86 -31.89 35.39 16.19
N THR C 87 -33.06 35.40 16.82
CA THR C 87 -33.59 34.16 17.39
C THR C 87 -33.95 33.16 16.30
N LYS C 88 -34.41 33.66 15.14
CA LYS C 88 -34.69 32.77 14.02
C LYS C 88 -33.47 31.93 13.66
N SER C 89 -32.30 32.57 13.54
CA SER C 89 -31.09 31.85 13.16
C SER C 89 -30.69 30.81 14.20
N PHE C 90 -30.97 31.07 15.48
CA PHE C 90 -30.76 30.06 16.51
C PHE C 90 -31.73 28.89 16.33
N GLU C 91 -33.00 29.19 16.04
CA GLU C 91 -33.96 28.11 15.78
C GLU C 91 -33.65 27.37 14.48
N ASP C 92 -32.95 28.00 13.53
CA ASP C 92 -32.55 27.31 12.31
C ASP C 92 -31.49 26.26 12.55
N ILE C 93 -30.81 26.29 13.71
CA ILE C 93 -29.62 25.46 13.89
C ILE C 93 -29.95 23.98 13.78
N HIS C 94 -31.06 23.55 14.40
CA HIS C 94 -31.33 22.13 14.40
C HIS C 94 -31.65 21.62 13.00
N HIS C 95 -32.20 22.48 12.13
CA HIS C 95 -32.41 22.08 10.74
C HIS C 95 -31.09 21.79 10.05
N TYR C 96 -30.11 22.68 10.23
CA TYR C 96 -28.78 22.39 9.70
C TYR C 96 -28.23 21.13 10.33
N ARG C 97 -28.38 20.96 11.65
CA ARG C 97 -27.81 19.77 12.27
C ARG C 97 -28.47 18.51 11.73
N GLU C 98 -29.79 18.52 11.56
CA GLU C 98 -30.46 17.32 11.07
C GLU C 98 -30.08 17.03 9.62
N GLN C 99 -30.06 18.06 8.77
CA GLN C 99 -29.59 17.85 7.40
C GLN C 99 -28.23 17.17 7.38
N ILE C 100 -27.31 17.61 8.25
CA ILE C 100 -25.98 17.02 8.24
C ILE C 100 -26.03 15.59 8.77
N LYS C 101 -26.79 15.35 9.85
CA LYS C 101 -26.91 13.99 10.38
C LYS C 101 -27.45 13.05 9.33
N ARG C 102 -28.48 13.50 8.61
CA ARG C 102 -29.18 12.62 7.68
C ARG C 102 -28.27 12.20 6.53
N VAL C 103 -27.56 13.16 5.92
CA VAL C 103 -26.70 12.79 4.78
C VAL C 103 -25.47 12.01 5.23
N LYS C 104 -25.05 12.14 6.49
CA LYS C 104 -23.92 11.38 6.98
C LYS C 104 -24.30 10.13 7.74
N ASP C 105 -25.57 9.99 8.14
CA ASP C 105 -26.04 8.85 8.92
C ASP C 105 -25.08 8.55 10.08
N SER C 106 -25.02 9.50 11.01
CA SER C 106 -24.15 9.39 12.17
C SER C 106 -24.63 10.39 13.21
N GLU C 107 -24.75 9.95 14.46
CA GLU C 107 -25.04 10.86 15.55
C GLU C 107 -23.80 11.63 15.99
N ASP C 108 -22.61 11.19 15.57
CA ASP C 108 -21.35 11.81 15.98
C ASP C 108 -20.67 12.34 14.72
N VAL C 109 -21.07 13.54 14.32
CA VAL C 109 -20.35 14.33 13.31
C VAL C 109 -19.62 15.44 14.06
N PRO C 110 -18.31 15.61 13.84
CA PRO C 110 -17.60 16.74 14.49
C PRO C 110 -18.29 18.06 14.19
N MET C 111 -18.76 18.74 15.24
CA MET C 111 -19.43 20.02 15.10
C MET C 111 -19.06 20.92 16.25
N VAL C 112 -19.07 22.22 15.97
CA VAL C 112 -19.03 23.24 17.01
C VAL C 112 -20.24 24.16 16.80
N LEU C 113 -20.96 24.44 17.88
CA LEU C 113 -22.04 25.41 17.82
C LEU C 113 -21.44 26.77 18.05
N VAL C 114 -21.79 27.74 17.19
CA VAL C 114 -21.15 29.04 17.18
C VAL C 114 -22.20 30.11 17.30
N GLY C 115 -22.14 30.88 18.38
CA GLY C 115 -22.97 32.06 18.52
C GLY C 115 -22.11 33.24 18.13
N ASN C 116 -22.37 33.78 16.93
CA ASN C 116 -21.58 34.87 16.38
C ASN C 116 -22.18 36.21 16.77
N LYS C 117 -21.38 37.27 16.57
CA LYS C 117 -21.75 38.66 16.80
C LYS C 117 -21.81 38.98 18.29
N CYS C 118 -20.90 38.39 19.07
CA CYS C 118 -20.86 38.63 20.51
C CYS C 118 -20.27 39.98 20.90
N ASP C 119 -19.80 40.77 19.92
CA ASP C 119 -19.38 42.14 20.20
C ASP C 119 -20.56 43.06 20.49
N LEU C 120 -21.75 42.69 20.05
CA LEU C 120 -22.93 43.50 20.32
C LEU C 120 -23.34 43.38 21.80
N PRO C 121 -23.76 44.48 22.42
CA PRO C 121 -24.10 44.45 23.84
C PRO C 121 -25.49 43.87 24.10
N SER C 122 -26.37 43.97 23.10
CA SER C 122 -27.72 43.45 23.18
C SER C 122 -27.80 42.11 22.46
N ARG C 123 -28.68 41.24 22.97
CA ARG C 123 -28.84 39.91 22.41
C ARG C 123 -30.25 39.40 22.69
N THR C 124 -30.68 38.44 21.88
CA THR C 124 -31.99 37.85 22.01
C THR C 124 -31.94 36.34 22.29
N VAL C 125 -30.77 35.72 22.24
CA VAL C 125 -30.59 34.31 22.57
C VAL C 125 -29.85 34.25 23.91
N ASP C 126 -30.45 33.58 24.90
CA ASP C 126 -29.76 33.35 26.15
C ASP C 126 -28.59 32.39 25.93
N THR C 127 -27.46 32.68 26.57
CA THR C 127 -26.32 31.77 26.46
C THR C 127 -26.60 30.42 27.12
N LYS C 128 -27.44 30.40 28.17
CA LYS C 128 -27.87 29.13 28.74
C LYS C 128 -28.64 28.30 27.72
N GLN C 129 -29.52 28.94 26.94
CA GLN C 129 -30.25 28.24 25.89
C GLN C 129 -29.29 27.67 24.84
N ALA C 130 -28.28 28.45 24.45
CA ALA C 130 -27.33 27.95 23.47
C ALA C 130 -26.42 26.87 24.08
N GLN C 131 -26.04 27.04 25.34
CA GLN C 131 -25.23 26.01 26.00
C GLN C 131 -26.01 24.70 26.11
N ASP C 132 -27.29 24.77 26.45
CA ASP C 132 -28.08 23.56 26.59
C ASP C 132 -28.26 22.84 25.26
N LEU C 133 -28.50 23.59 24.18
CA LEU C 133 -28.59 22.95 22.86
C LEU C 133 -27.31 22.17 22.56
N ALA C 134 -26.16 22.79 22.81
CA ALA C 134 -24.89 22.12 22.56
C ALA C 134 -24.72 20.90 23.44
N ARG C 135 -25.07 21.02 24.73
CA ARG C 135 -24.95 19.87 25.61
C ARG C 135 -25.83 18.72 25.13
N SER C 136 -27.04 19.02 24.66
CA SER C 136 -27.88 17.96 24.13
C SER C 136 -27.23 17.30 22.93
N TYR C 137 -26.48 18.07 22.13
CA TYR C 137 -25.72 17.53 21.02
C TYR C 137 -24.40 16.89 21.44
N GLY C 138 -23.90 17.23 22.63
CA GLY C 138 -22.57 16.78 23.00
C GLY C 138 -21.44 17.44 22.23
N ILE C 139 -21.60 18.70 21.85
CA ILE C 139 -20.59 19.40 21.07
C ILE C 139 -20.20 20.66 21.82
N PRO C 140 -19.05 21.25 21.52
CA PRO C 140 -18.69 22.53 22.14
C PRO C 140 -19.60 23.66 21.66
N PHE C 141 -19.70 24.69 22.50
CA PHE C 141 -20.37 25.94 22.14
C PHE C 141 -19.37 27.06 22.37
N ILE C 142 -19.10 27.85 21.33
CA ILE C 142 -18.13 28.94 21.40
C ILE C 142 -18.80 30.23 20.94
N GLU C 143 -18.61 31.28 21.71
CA GLU C 143 -19.05 32.62 21.34
C GLU C 143 -17.96 33.27 20.51
N THR C 144 -18.33 33.75 19.32
CA THR C 144 -17.38 34.37 18.41
C THR C 144 -17.86 35.76 18.01
N SER C 145 -16.90 36.56 17.54
CA SER C 145 -17.19 37.82 16.86
C SER C 145 -16.25 37.94 15.67
N ALA C 146 -16.81 38.07 14.48
CA ALA C 146 -15.98 38.28 13.29
C ALA C 146 -15.43 39.69 13.24
N LYS C 147 -16.09 40.65 13.89
CA LYS C 147 -15.57 42.00 13.96
C LYS C 147 -14.34 42.08 14.84
N THR C 148 -14.44 41.57 16.06
CA THR C 148 -13.42 41.83 17.07
C THR C 148 -12.39 40.73 17.18
N ARG C 149 -12.50 39.66 16.40
CA ARG C 149 -11.58 38.54 16.37
C ARG C 149 -11.86 37.53 17.47
N GLN C 150 -12.59 37.91 18.51
CA GLN C 150 -12.72 37.07 19.70
C GLN C 150 -13.37 35.72 19.40
N GLY C 151 -12.68 34.64 19.80
CA GLY C 151 -13.19 33.29 19.66
C GLY C 151 -13.12 32.69 18.28
N VAL C 152 -12.69 33.45 17.27
CA VAL C 152 -12.72 32.97 15.90
C VAL C 152 -11.77 31.78 15.73
N ASP C 153 -10.50 31.97 16.06
CA ASP C 153 -9.54 30.87 15.94
C ASP C 153 -9.92 29.71 16.84
N ASP C 154 -10.38 30.01 18.06
CA ASP C 154 -10.81 28.95 18.97
C ASP C 154 -11.93 28.13 18.34
N ALA C 155 -12.92 28.79 17.76
CA ALA C 155 -13.99 28.09 17.06
C ALA C 155 -13.44 27.12 16.03
N PHE C 156 -12.52 27.59 15.18
CA PHE C 156 -12.06 26.77 14.09
C PHE C 156 -11.12 25.67 14.56
N TYR C 157 -10.24 25.97 15.53
CA TYR C 157 -9.30 24.94 15.96
C TYR C 157 -9.94 23.93 16.88
N THR C 158 -10.90 24.36 17.72
CA THR C 158 -11.71 23.39 18.45
C THR C 158 -12.36 22.39 17.50
N LEU C 159 -12.91 22.88 16.39
CA LEU C 159 -13.48 21.97 15.39
C LEU C 159 -12.41 21.05 14.84
N VAL C 160 -11.22 21.57 14.54
CA VAL C 160 -10.12 20.71 14.08
C VAL C 160 -9.82 19.66 15.12
N ARG C 161 -9.78 20.04 16.40
CA ARG C 161 -9.54 19.07 17.45
C ARG C 161 -10.65 18.03 17.50
N GLU C 162 -11.91 18.48 17.31
CA GLU C 162 -13.03 17.54 17.31
C GLU C 162 -12.92 16.52 16.19
N ILE C 163 -12.33 16.91 15.06
CA ILE C 163 -12.16 15.97 13.95
C ILE C 163 -11.05 14.97 14.26
N ARG C 164 -9.96 15.44 14.86
CA ARG C 164 -8.89 14.53 15.26
C ARG C 164 -9.42 13.43 16.18
N LYS C 165 -10.00 13.83 17.29
CA LYS C 165 -10.56 12.89 18.24
C LYS C 165 -11.44 11.89 17.52
N HIS C 166 -12.24 12.36 16.57
CA HIS C 166 -13.12 11.49 15.85
C HIS C 166 -12.34 10.56 14.97
N LYS C 167 -11.26 11.05 14.40
CA LYS C 167 -10.45 10.23 13.53
C LYS C 167 -9.78 9.08 14.30
N GLU C 168 -9.41 9.33 15.54
CA GLU C 168 -8.79 8.34 16.40
C GLU C 168 -9.78 7.28 16.86
N LYS C 169 -11.06 7.60 16.88
CA LYS C 169 -12.05 6.61 17.27
C LYS C 169 -12.15 5.59 16.18
N MET C 170 -12.26 6.06 14.95
CA MET C 170 -12.35 5.16 13.81
C MET C 170 -11.14 4.25 13.74
N SER C 171 -9.95 4.77 14.02
CA SER C 171 -8.77 3.94 14.19
C SER C 171 -8.83 3.22 15.53
N LYS C 177 -14.54 -7.57 11.44
CA LYS C 177 -14.17 -8.60 10.50
C LYS C 177 -15.24 -8.69 9.42
N LYS C 178 -15.49 -9.91 8.93
CA LYS C 178 -16.50 -10.23 7.94
C LYS C 178 -17.28 -11.39 8.55
N LYS C 179 -18.60 -11.34 8.49
CA LYS C 179 -19.41 -12.39 9.12
C LYS C 179 -19.49 -13.72 8.39
N LYS C 180 -19.23 -14.80 9.11
CA LYS C 180 -19.25 -16.13 8.55
C LYS C 180 -20.01 -17.10 9.43
N SER C 181 -20.55 -18.14 8.84
CA SER C 181 -21.38 -19.07 9.56
C SER C 181 -20.83 -20.43 9.83
N LYS C 182 -21.14 -20.95 11.01
CA LYS C 182 -20.75 -22.31 11.35
C LYS C 182 -21.87 -23.32 11.10
N THR C 183 -23.05 -22.85 10.75
CA THR C 183 -24.19 -23.74 10.54
C THR C 183 -24.77 -23.69 9.13
N LYS C 184 -24.48 -22.64 8.35
CA LYS C 184 -25.08 -22.42 7.03
C LYS C 184 -26.57 -22.09 7.09
N CMT C 185 -27.04 -21.56 8.22
CA CMT C 185 -28.44 -21.25 8.34
C CMT C 185 -28.68 -19.88 8.95
O CMT C 185 -29.75 -19.42 9.35
CB CMT C 185 -29.26 -22.26 9.16
SG CMT C 185 -29.33 -23.78 8.23
OXT CMT C 185 -27.61 -19.04 8.82
C1 CMT C 185 -27.88 -17.69 8.42
N ASP D 5 -50.20 -5.17 17.79
CA ASP D 5 -50.57 -4.09 16.87
C ASP D 5 -51.31 -4.65 15.66
N GLU D 6 -52.25 -3.84 15.14
CA GLU D 6 -53.12 -4.34 14.08
C GLU D 6 -52.37 -4.45 12.75
N ARG D 7 -51.53 -3.47 12.42
CA ARG D 7 -50.82 -3.53 11.16
C ARG D 7 -49.87 -4.72 11.11
N ALA D 8 -49.31 -5.10 12.26
CA ALA D 8 -48.40 -6.25 12.27
C ALA D 8 -49.11 -7.52 11.85
N ARG D 9 -50.31 -7.66 12.40
CA ARG D 9 -51.22 -8.77 12.12
C ARG D 9 -51.71 -8.78 10.69
N GLU D 10 -51.98 -7.60 10.19
CA GLU D 10 -52.43 -7.42 8.82
C GLU D 10 -51.40 -7.97 7.84
N ILE D 11 -50.14 -7.58 8.00
CA ILE D 11 -49.05 -8.12 7.20
C ILE D 11 -48.98 -9.64 7.31
N LEU D 12 -49.10 -10.17 8.53
CA LEU D 12 -48.93 -11.61 8.73
C LEU D 12 -50.07 -12.38 8.06
N ARG D 13 -51.32 -11.93 8.24
CA ARG D 13 -52.45 -12.57 7.60
C ARG D 13 -52.26 -12.68 6.10
N GLY D 14 -51.62 -11.67 5.49
CA GLY D 14 -51.45 -11.64 4.07
C GLY D 14 -50.14 -12.19 3.57
N PHE D 15 -49.27 -12.64 4.47
CA PHE D 15 -47.96 -13.15 4.12
C PHE D 15 -48.00 -14.66 3.98
N LYS D 16 -47.26 -15.18 3.00
CA LYS D 16 -47.13 -16.61 2.80
C LYS D 16 -45.73 -16.91 2.31
N LEU D 17 -45.00 -17.70 3.09
CA LEU D 17 -43.73 -18.27 2.67
C LEU D 17 -44.02 -19.41 1.71
N ASN D 18 -43.71 -19.23 0.43
CA ASN D 18 -44.13 -20.21 -0.56
C ASN D 18 -43.19 -21.40 -0.63
N TRP D 19 -41.88 -21.15 -0.62
CA TRP D 19 -40.89 -22.21 -0.66
C TRP D 19 -39.54 -21.62 -0.27
N MET D 20 -38.59 -22.52 0.01
CA MET D 20 -37.24 -22.15 0.37
C MET D 20 -36.29 -23.18 -0.20
N ASN D 21 -35.10 -22.70 -0.60
CA ASN D 21 -34.05 -23.54 -1.17
C ASN D 21 -32.74 -23.26 -0.44
N LEU D 22 -31.90 -24.29 -0.36
CA LEU D 22 -30.50 -24.12 0.00
C LEU D 22 -29.66 -24.73 -1.12
N ARG D 23 -28.71 -23.96 -1.63
CA ARG D 23 -27.86 -24.37 -2.72
C ARG D 23 -26.38 -24.12 -2.48
N ASP D 24 -25.54 -25.02 -2.97
CA ASP D 24 -24.11 -24.81 -2.96
C ASP D 24 -23.78 -23.63 -3.88
N ALA D 25 -23.10 -22.63 -3.34
CA ALA D 25 -22.94 -21.37 -4.06
C ALA D 25 -21.94 -21.48 -5.19
N GLU D 26 -20.99 -22.41 -5.09
CA GLU D 26 -20.03 -22.59 -6.17
C GLU D 26 -20.63 -23.37 -7.33
N THR D 27 -21.42 -24.40 -7.06
CA THR D 27 -21.92 -25.27 -8.12
C THR D 27 -23.39 -25.08 -8.43
N GLY D 28 -24.13 -24.36 -7.61
CA GLY D 28 -25.56 -24.24 -7.82
C GLY D 28 -26.37 -25.50 -7.57
N LYS D 29 -25.75 -26.57 -7.08
CA LYS D 29 -26.52 -27.78 -6.78
C LYS D 29 -27.47 -27.52 -5.61
N ILE D 30 -28.73 -27.94 -5.78
CA ILE D 30 -29.70 -27.82 -4.69
C ILE D 30 -29.41 -28.85 -3.61
N LEU D 31 -29.21 -28.39 -2.40
CA LEU D 31 -28.92 -29.29 -1.32
C LEU D 31 -30.17 -29.64 -0.52
N TRP D 32 -31.05 -28.66 -0.34
CA TRP D 32 -32.25 -28.83 0.46
C TRP D 32 -33.38 -27.92 0.02
N GLN D 33 -34.60 -28.45 0.07
CA GLN D 33 -35.78 -27.66 -0.23
C GLN D 33 -36.78 -27.84 0.88
N GLY D 34 -37.37 -26.74 1.29
CA GLY D 34 -38.34 -26.73 2.35
C GLY D 34 -39.60 -27.44 1.92
N THR D 35 -40.27 -28.07 2.87
CA THR D 35 -41.49 -28.74 2.55
C THR D 35 -42.55 -27.88 3.17
N GLU D 36 -42.52 -27.80 4.49
CA GLU D 36 -43.49 -27.03 5.23
C GLU D 36 -43.02 -25.67 5.77
N ASP D 37 -43.89 -24.67 5.63
CA ASP D 37 -43.68 -23.31 6.08
C ASP D 37 -43.02 -23.21 7.45
N LEU D 38 -41.83 -22.61 7.48
CA LEU D 38 -41.08 -22.51 8.72
C LEU D 38 -41.27 -21.16 9.35
N SER D 39 -42.04 -20.30 8.72
CA SER D 39 -42.29 -18.99 9.28
C SER D 39 -43.46 -18.86 10.21
N VAL D 40 -44.27 -19.89 10.39
CA VAL D 40 -45.44 -19.77 11.24
C VAL D 40 -45.04 -19.63 12.70
N PRO D 41 -45.52 -18.60 13.39
CA PRO D 41 -45.15 -18.43 14.79
C PRO D 41 -45.83 -19.45 15.68
N GLY D 42 -45.45 -19.44 16.95
CA GLY D 42 -46.09 -20.29 17.93
C GLY D 42 -45.41 -21.64 18.12
N VAL D 43 -45.22 -22.38 17.02
CA VAL D 43 -44.76 -23.76 17.09
C VAL D 43 -43.28 -23.82 16.73
N GLU D 44 -42.56 -24.76 17.35
CA GLU D 44 -41.17 -24.98 17.03
C GLU D 44 -41.07 -25.87 15.80
N HIS D 45 -40.50 -25.35 14.71
CA HIS D 45 -40.37 -26.13 13.50
C HIS D 45 -39.09 -26.96 13.53
N GLU D 46 -39.04 -27.97 12.69
CA GLU D 46 -37.90 -28.84 12.59
C GLU D 46 -37.50 -28.94 11.13
N ALA D 47 -36.20 -28.85 10.88
CA ALA D 47 -35.66 -28.96 9.54
C ALA D 47 -34.51 -29.90 9.54
N ARG D 48 -34.45 -30.75 8.54
CA ARG D 48 -33.39 -31.69 8.41
C ARG D 48 -32.63 -31.43 7.14
N VAL D 49 -31.44 -30.88 7.27
CA VAL D 49 -30.59 -30.56 6.14
C VAL D 49 -29.44 -31.54 6.01
N PRO D 50 -28.99 -31.83 4.81
CA PRO D 50 -27.90 -32.77 4.66
C PRO D 50 -26.61 -32.21 5.23
N LYS D 51 -25.84 -33.11 5.80
CA LYS D 51 -24.54 -32.88 6.38
C LYS D 51 -23.59 -32.08 5.51
N LYS D 52 -23.52 -32.42 4.24
CA LYS D 52 -22.61 -31.75 3.33
C LYS D 52 -22.73 -30.23 3.22
N ILE D 53 -23.83 -29.65 3.68
CA ILE D 53 -23.96 -28.18 3.68
C ILE D 53 -22.84 -27.55 4.48
N LEU D 54 -22.38 -28.22 5.54
CA LEU D 54 -21.27 -27.70 6.35
C LEU D 54 -19.95 -27.73 5.61
N LYS D 55 -19.86 -28.51 4.52
CA LYS D 55 -18.66 -28.57 3.71
C LYS D 55 -18.63 -27.55 2.58
N CYS D 56 -19.78 -26.99 2.21
CA CYS D 56 -19.81 -25.95 1.18
C CYS D 56 -19.02 -24.74 1.63
N LYS D 57 -18.23 -24.18 0.71
CA LYS D 57 -17.55 -22.92 1.03
C LYS D 57 -18.56 -21.81 1.26
N ALA D 58 -19.68 -21.84 0.54
CA ALA D 58 -20.75 -20.86 0.72
C ALA D 58 -22.04 -21.46 0.22
N VAL D 59 -23.13 -20.95 0.76
CA VAL D 59 -24.46 -21.46 0.48
C VAL D 59 -25.33 -20.29 0.07
N SER D 60 -26.19 -20.51 -0.91
CA SER D 60 -27.17 -19.52 -1.35
C SER D 60 -28.54 -19.97 -0.85
N ARG D 61 -29.19 -19.13 -0.05
CA ARG D 61 -30.52 -19.41 0.48
C ARG D 61 -31.54 -18.58 -0.29
N GLU D 62 -32.54 -19.25 -0.88
CA GLU D 62 -33.59 -18.56 -1.60
C GLU D 62 -34.92 -18.76 -0.89
N LEU D 63 -35.57 -17.65 -0.54
CA LEU D 63 -36.92 -17.62 0.01
C LEU D 63 -37.87 -17.00 -1.00
N ASN D 64 -38.98 -17.66 -1.29
CA ASN D 64 -40.01 -17.11 -2.17
C ASN D 64 -41.26 -16.86 -1.35
N PHE D 65 -41.74 -15.60 -1.37
CA PHE D 65 -42.83 -15.21 -0.49
C PHE D 65 -43.84 -14.36 -1.25
N SER D 66 -45.08 -14.37 -0.78
CA SER D 66 -46.12 -13.48 -1.27
C SER D 66 -46.64 -12.64 -0.12
N SER D 67 -47.07 -11.41 -0.43
CA SER D 67 -47.55 -10.48 0.59
C SER D 67 -48.67 -9.61 0.01
N THR D 68 -49.86 -9.70 0.61
CA THR D 68 -50.92 -8.79 0.20
C THR D 68 -50.58 -7.35 0.59
N GLU D 69 -50.01 -7.16 1.78
CA GLU D 69 -49.71 -5.83 2.27
C GLU D 69 -48.37 -5.33 1.72
N GLN D 70 -48.27 -4.02 1.56
CA GLN D 70 -47.02 -3.39 1.15
C GLN D 70 -46.06 -3.30 2.33
N MET D 71 -44.77 -3.40 2.04
CA MET D 71 -43.73 -3.22 3.05
C MET D 71 -42.63 -2.33 2.49
N GLU D 72 -42.29 -1.28 3.23
CA GLU D 72 -41.23 -0.37 2.79
C GLU D 72 -39.85 -1.01 2.94
N LYS D 73 -39.59 -1.65 4.10
CA LYS D 73 -38.28 -2.26 4.45
C LYS D 73 -38.51 -3.64 5.07
N PHE D 74 -38.84 -4.61 4.22
CA PHE D 74 -39.00 -5.98 4.67
C PHE D 74 -37.63 -6.56 5.02
N ARG D 75 -37.54 -7.24 6.16
CA ARG D 75 -36.24 -7.69 6.61
C ARG D 75 -36.37 -8.82 7.62
N LEU D 76 -35.25 -9.52 7.84
CA LEU D 76 -35.16 -10.65 8.76
C LEU D 76 -34.02 -10.44 9.73
N GLU D 77 -34.24 -10.82 10.99
CA GLU D 77 -33.20 -10.95 12.00
C GLU D 77 -33.15 -12.40 12.47
N GLN D 78 -31.99 -13.04 12.35
CA GLN D 78 -31.84 -14.44 12.70
C GLN D 78 -30.77 -14.58 13.78
N LYS D 79 -31.16 -15.17 14.91
CA LYS D 79 -30.26 -15.61 15.98
C LYS D 79 -30.07 -17.12 15.88
N VAL D 80 -28.84 -17.56 16.05
CA VAL D 80 -28.50 -18.97 15.94
C VAL D 80 -28.00 -19.40 17.32
N TYR D 81 -28.74 -20.29 17.97
CA TYR D 81 -28.37 -20.79 19.29
C TYR D 81 -27.82 -22.20 19.19
N PHE D 82 -26.72 -22.46 19.89
CA PHE D 82 -26.20 -23.80 20.09
C PHE D 82 -26.32 -24.15 21.57
N LYS D 83 -27.08 -25.20 21.87
CA LYS D 83 -27.39 -25.57 23.25
C LYS D 83 -27.73 -24.36 24.11
N GLY D 84 -28.43 -23.39 23.52
CA GLY D 84 -28.86 -22.20 24.23
C GLY D 84 -27.86 -21.07 24.24
N GLN D 85 -26.65 -21.29 23.75
CA GLN D 85 -25.64 -20.24 23.62
C GLN D 85 -25.78 -19.58 22.25
N CYS D 86 -25.88 -18.25 22.23
CA CYS D 86 -25.98 -17.56 20.95
C CYS D 86 -24.68 -17.75 20.18
N LEU D 87 -24.76 -18.45 19.06
CA LEU D 87 -23.61 -18.78 18.22
C LEU D 87 -23.42 -17.78 17.08
N GLU D 88 -24.51 -17.39 16.42
CA GLU D 88 -24.45 -16.44 15.33
C GLU D 88 -25.67 -15.53 15.36
N GLU D 89 -25.54 -14.43 14.64
CA GLU D 89 -26.54 -13.38 14.60
C GLU D 89 -26.48 -12.72 13.24
N TRP D 90 -27.58 -12.75 12.51
CA TRP D 90 -27.60 -12.37 11.10
C TRP D 90 -28.67 -11.33 10.85
N PHE D 91 -28.39 -10.45 9.89
CA PHE D 91 -29.33 -9.42 9.44
C PHE D 91 -29.42 -9.46 7.92
N PHE D 92 -30.64 -9.65 7.39
CA PHE D 92 -30.92 -9.68 5.97
C PHE D 92 -32.05 -8.70 5.67
N GLU D 93 -31.90 -7.89 4.62
CA GLU D 93 -32.87 -6.85 4.28
C GLU D 93 -33.31 -7.04 2.84
N PHE D 94 -34.62 -7.25 2.63
CA PHE D 94 -35.14 -7.41 1.27
C PHE D 94 -35.38 -6.06 0.59
N GLY D 95 -36.00 -5.13 1.31
CA GLY D 95 -36.31 -3.82 0.75
C GLY D 95 -37.80 -3.61 0.52
N PHE D 96 -38.14 -3.04 -0.63
CA PHE D 96 -39.51 -2.65 -0.93
C PHE D 96 -40.32 -3.84 -1.44
N VAL D 97 -41.47 -4.09 -0.82
CA VAL D 97 -42.38 -5.14 -1.23
C VAL D 97 -43.63 -4.51 -1.85
N ILE D 98 -43.91 -4.87 -3.10
CA ILE D 98 -45.11 -4.41 -3.82
C ILE D 98 -46.35 -5.12 -3.27
N PRO D 99 -47.47 -4.43 -3.08
CA PRO D 99 -48.70 -5.10 -2.63
C PRO D 99 -49.13 -6.21 -3.58
N ASN D 100 -49.57 -7.33 -2.99
CA ASN D 100 -50.08 -8.49 -3.71
C ASN D 100 -49.03 -9.11 -4.63
N SER D 101 -47.76 -8.94 -4.31
CA SER D 101 -46.69 -9.44 -5.15
C SER D 101 -46.15 -10.74 -4.59
N THR D 102 -45.36 -11.43 -5.42
CA THR D 102 -44.62 -12.62 -5.03
C THR D 102 -43.18 -12.41 -5.45
N ASN D 103 -42.24 -12.62 -4.52
CA ASN D 103 -40.85 -12.28 -4.75
C ASN D 103 -39.94 -13.44 -4.36
N THR D 104 -38.79 -13.54 -5.01
CA THR D 104 -37.77 -14.51 -4.62
C THR D 104 -36.56 -13.78 -4.07
N TRP D 105 -36.21 -14.09 -2.83
CA TRP D 105 -35.19 -13.36 -2.08
C TRP D 105 -34.01 -14.29 -1.87
N GLN D 106 -32.83 -13.84 -2.29
CA GLN D 106 -31.64 -14.68 -2.22
C GLN D 106 -30.61 -14.04 -1.31
N SER D 107 -30.04 -14.84 -0.42
CA SER D 107 -28.98 -14.39 0.48
C SER D 107 -27.83 -15.39 0.42
N LEU D 108 -26.62 -14.86 0.44
CA LEU D 108 -25.42 -15.68 0.38
C LEU D 108 -24.82 -15.79 1.77
N ILE D 109 -24.48 -17.02 2.18
CA ILE D 109 -23.96 -17.32 3.53
C ILE D 109 -22.73 -18.22 3.37
N GLU D 110 -21.56 -17.69 3.67
CA GLU D 110 -20.28 -18.36 3.49
C GLU D 110 -19.93 -19.11 4.74
N ALA D 111 -18.97 -20.01 4.62
CA ALA D 111 -18.82 -21.04 5.64
C ALA D 111 -17.58 -20.86 6.48
N ALA D 112 -17.77 -20.75 7.78
CA ALA D 112 -16.69 -20.38 8.67
C ALA D 112 -15.36 -21.02 8.29
N PRO D 113 -14.22 -20.43 8.65
CA PRO D 113 -12.94 -21.13 8.45
C PRO D 113 -12.95 -22.53 9.03
N GLU D 114 -12.25 -23.44 8.35
CA GLU D 114 -12.26 -24.86 8.71
C GLU D 114 -11.88 -25.06 10.17
N SER D 115 -10.82 -24.39 10.61
CA SER D 115 -10.35 -24.57 11.98
C SER D 115 -11.42 -24.28 13.00
N GLN D 116 -12.47 -23.55 12.62
CA GLN D 116 -13.53 -23.21 13.56
CA GLN D 116 -13.55 -23.15 13.51
C GLN D 116 -14.86 -23.88 13.22
N MET D 117 -14.91 -24.73 12.20
CA MET D 117 -16.14 -25.46 11.91
C MET D 117 -16.45 -26.49 13.00
N MET D 118 -17.73 -26.64 13.29
CA MET D 118 -18.14 -27.62 14.30
C MET D 118 -18.67 -28.88 13.64
N PRO D 119 -18.55 -30.03 14.30
CA PRO D 119 -18.99 -31.27 13.67
C PRO D 119 -20.50 -31.32 13.55
N ALA D 120 -20.97 -31.92 12.46
CA ALA D 120 -22.41 -32.11 12.28
C ALA D 120 -23.01 -32.95 13.39
N SER D 121 -22.24 -33.90 13.95
CA SER D 121 -22.78 -34.74 15.02
C SER D 121 -22.99 -33.96 16.31
N VAL D 122 -22.22 -32.90 16.52
CA VAL D 122 -22.40 -32.04 17.69
C VAL D 122 -23.56 -31.09 17.46
N LEU D 123 -23.64 -30.51 16.26
CA LEU D 123 -24.64 -29.49 15.96
C LEU D 123 -26.05 -30.07 15.97
N THR D 124 -26.23 -31.27 15.41
CA THR D 124 -27.57 -31.71 15.05
C THR D 124 -28.48 -31.84 16.27
N GLY D 125 -29.70 -31.32 16.13
CA GLY D 125 -30.65 -31.30 17.23
C GLY D 125 -30.38 -30.22 18.27
N ASN D 126 -29.19 -29.63 18.28
CA ASN D 126 -28.85 -28.63 19.28
C ASN D 126 -28.87 -27.21 18.77
N VAL D 127 -29.23 -26.99 17.51
CA VAL D 127 -29.20 -25.67 16.90
C VAL D 127 -30.62 -25.15 16.78
N ILE D 128 -30.86 -23.97 17.33
CA ILE D 128 -32.14 -23.29 17.17
C ILE D 128 -31.87 -22.02 16.39
N ILE D 129 -32.67 -21.79 15.35
CA ILE D 129 -32.67 -20.52 14.63
C ILE D 129 -33.96 -19.80 14.97
N GLU D 130 -33.83 -18.64 15.58
CA GLU D 130 -34.96 -17.74 15.84
C GLU D 130 -34.96 -16.65 14.79
N THR D 131 -36.08 -16.50 14.07
CA THR D 131 -36.17 -15.53 12.99
C THR D 131 -37.20 -14.46 13.33
N LYS D 132 -36.77 -13.20 13.28
CA LYS D 132 -37.62 -12.04 13.51
C LYS D 132 -37.99 -11.43 12.16
N PHE D 133 -39.28 -11.45 11.86
CA PHE D 133 -39.83 -10.91 10.62
C PHE D 133 -40.13 -9.43 10.84
N PHE D 134 -39.47 -8.55 10.10
CA PHE D 134 -39.64 -7.12 10.31
C PHE D 134 -40.13 -6.42 9.04
N ASP D 135 -40.86 -5.33 9.24
CA ASP D 135 -41.09 -4.29 8.24
C ASP D 135 -40.49 -3.02 8.85
N ASP D 136 -39.29 -2.65 8.37
CA ASP D 136 -38.43 -1.71 9.06
C ASP D 136 -38.35 -2.06 10.54
N ASP D 137 -38.80 -1.16 11.42
CA ASP D 137 -38.76 -1.39 12.85
C ASP D 137 -40.07 -1.93 13.41
N LEU D 138 -40.89 -2.54 12.56
CA LEU D 138 -42.15 -3.15 13.00
C LEU D 138 -41.94 -4.66 13.07
N LEU D 139 -42.11 -5.22 14.27
CA LEU D 139 -41.95 -6.67 14.47
C LEU D 139 -43.23 -7.39 14.09
N VAL D 140 -43.17 -8.17 13.01
CA VAL D 140 -44.35 -8.83 12.48
C VAL D 140 -44.50 -10.25 13.02
N SER D 141 -43.41 -11.01 13.11
CA SER D 141 -43.54 -12.32 13.75
C SER D 141 -42.18 -12.79 14.25
N THR D 142 -42.24 -13.76 15.15
CA THR D 142 -41.09 -14.49 15.66
C THR D 142 -41.32 -15.96 15.40
N SER D 143 -40.38 -16.61 14.73
CA SER D 143 -40.49 -18.04 14.49
C SER D 143 -39.20 -18.73 14.93
N ARG D 144 -39.30 -20.03 15.14
CA ARG D 144 -38.16 -20.80 15.63
C ARG D 144 -38.07 -22.11 14.89
N VAL D 145 -36.85 -22.47 14.50
CA VAL D 145 -36.59 -23.70 13.75
C VAL D 145 -35.47 -24.45 14.45
N ARG D 146 -35.73 -25.69 14.82
CA ARG D 146 -34.70 -26.54 15.43
C ARG D 146 -33.99 -27.30 14.31
N LEU D 147 -32.68 -27.15 14.24
CA LEU D 147 -31.93 -27.57 13.08
C LEU D 147 -31.35 -28.96 13.29
N PHE D 148 -31.75 -29.88 12.43
CA PHE D 148 -31.11 -31.18 12.36
C PHE D 148 -30.31 -31.26 11.06
N TYR D 149 -29.12 -31.87 11.15
CA TYR D 149 -28.35 -32.25 9.97
C TYR D 149 -28.58 -33.73 9.74
N VAL D 150 -28.94 -34.15 8.52
CA VAL D 150 -29.17 -35.58 8.26
C VAL D 150 -28.34 -36.12 7.10
C1 FAR E . 15.01 -18.99 -31.71
C2 FAR E . 16.52 -18.94 -31.82
C3 FAR E . 17.19 -19.63 -32.75
C5 FAR E . 18.70 -19.57 -32.83
C6 FAR E . 19.26 -19.32 -31.46
C7 FAR E . 20.78 -19.32 -31.53
C8 FAR E . 21.53 -19.74 -30.48
C9 FAR E . 23.05 -19.70 -30.60
C11 FAR E . 23.75 -21.01 -30.34
C12 FAR E . 25.19 -20.60 -30.07
C13 FAR E . 25.93 -21.08 -29.05
C14 FAR E . 27.34 -20.57 -28.84
C15 FAR E . 25.39 -22.13 -28.12
C4 FAR E . 16.44 -20.52 -33.74
C10 FAR E . 20.89 -20.22 -29.20
PB GDP F . 36.05 8.04 19.36
O1B GDP F . 37.12 7.20 19.98
O2B GDP F . 36.18 8.16 17.87
O3B GDP F . 34.66 7.76 19.84
O3A GDP F . 36.39 9.51 19.88
PA GDP F . 35.72 10.17 21.17
O1A GDP F . 35.98 9.28 22.35
O2A GDP F . 34.32 10.59 20.87
O5' GDP F . 36.62 11.49 21.36
C5' GDP F . 38.02 11.40 21.56
C4' GDP F . 38.52 12.63 22.30
O4' GDP F . 38.47 13.77 21.44
C3' GDP F . 37.64 12.95 23.49
O3' GDP F . 38.49 13.39 24.55
C2' GDP F . 36.74 14.06 23.01
O2' GDP F . 36.34 14.94 24.05
C1' GDP F . 37.61 14.76 21.99
N9 GDP F . 36.79 15.36 20.91
C8 GDP F . 35.83 14.75 20.22
N7 GDP F . 35.27 15.58 19.32
C5 GDP F . 35.89 16.76 19.43
C6 GDP F . 35.79 18.08 18.77
O6 GDP F . 34.96 18.28 17.86
N1 GDP F . 36.61 19.05 19.19
C2 GDP F . 37.51 18.86 20.17
N2 GDP F . 38.30 19.90 20.52
N3 GDP F . 37.66 17.68 20.81
C4 GDP F . 36.89 16.62 20.49
C1 EDO G . 19.74 -21.81 -23.43
O1 EDO G . 18.64 -21.81 -24.35
C2 EDO G . 20.72 -20.70 -23.79
O2 EDO G . 20.08 -19.43 -23.64
C1 FAR H . -30.50 -23.12 7.09
C2 FAR H . -31.80 -22.36 7.25
C3 FAR H . -32.82 -22.88 7.95
C5 FAR H . -34.12 -22.12 8.12
C6 FAR H . -33.94 -20.62 8.05
C7 FAR H . -35.24 -20.07 8.57
C8 FAR H . -35.92 -19.10 7.92
C9 FAR H . -37.21 -18.62 8.52
C11 FAR H . -38.18 -18.11 7.48
C12 FAR H . -38.87 -16.93 8.12
C13 FAR H . -39.54 -16.01 7.39
C14 FAR H . -40.20 -14.86 8.12
C15 FAR H . -39.63 -16.13 5.88
C4 FAR H . -32.70 -24.25 8.60
C10 FAR H . -35.38 -18.50 6.63
PB GDP I . -23.48 35.25 5.90
O1B GDP I . -22.26 34.66 5.25
O2B GDP I . -24.56 35.52 4.90
O3B GDP I . -23.98 34.22 6.91
O3A GDP I . -23.20 36.54 6.81
PA GDP I . -22.23 37.76 6.43
O1A GDP I . -20.79 37.41 6.66
O2A GDP I . -22.54 38.21 5.00
O5' GDP I . -22.70 38.85 7.51
C5' GDP I . -23.92 39.56 7.37
C4' GDP I . -23.80 40.91 8.09
O4' GDP I . -23.49 40.72 9.47
C3' GDP I . -22.68 41.74 7.50
O3' GDP I . -23.17 43.07 7.35
C2' GDP I . -21.58 41.73 8.54
O2' GDP I . -20.87 42.97 8.56
C1' GDP I . -22.33 41.47 9.85
N9 GDP I . -21.50 40.68 10.78
C8 GDP I . -20.91 39.48 10.54
N7 GDP I . -20.24 39.04 11.64
C5 GDP I . -20.40 39.95 12.61
C6 GDP I . -19.95 40.11 14.01
O6 GDP I . -19.23 39.23 14.53
N1 GDP I . -20.33 41.22 14.68
C2 GDP I . -21.11 42.17 14.11
N2 GDP I . -21.45 43.25 14.85
N3 GDP I . -21.55 42.09 12.83
C4 GDP I . -21.23 41.03 12.05
C1 EDO J . -33.08 -14.90 1.88
O1 EDO J . -32.76 -16.30 1.83
C2 EDO J . -33.46 -14.51 3.30
O2 EDO J . -32.45 -13.74 3.97
#